data_6PT3
#
_entry.id   6PT3
#
_cell.length_a   49.084
_cell.length_b   142.101
_cell.length_c   157.491
_cell.angle_alpha   90.000
_cell.angle_beta   90.000
_cell.angle_gamma   90.000
#
_symmetry.space_group_name_H-M   'P 21 21 21'
#
loop_
_entity.id
_entity.type
_entity.pdbx_description
1 polymer 'Delta opioid receptor'
2 non-polymer 4-[(R)-[(2S,5R)-4-benzyl-2,5-dimethylpiperazin-1-yl](3-hydroxyphenyl)methyl]-N,N-diethylbenzamide
#
_entity_poly.entity_id   1
_entity_poly.type   'polypeptide(L)'
_entity_poly.pdbx_seq_one_letter_code
;MKTIIALSYIFCLVFADYKDDDDAKLQTMHHHHHHHHHHENLYFQGGTTMADLEDNWETLNDNLKVIEKADNAAQVKDAL
TKMRAAALDAQKATPPKLEDKSPDSPEMKDFRHGFDILVGQIDDALKLANEGKVKEAQAAAEQLKTTRNAYIQKYLRSAS
SLALAIAITALYSAVCAVGLLGNVLVMFVIVRYTKMKTATNIYIFSLALAGALATSTLPFQSADYLMETWPFGELLCKAV
LSIDYYSMFTSIFTLTMMCVDRYIAVCHPVKALDFRTPAKAKLINICIWVLASGVGVPIMVMAVTRPRDGAVVCMLQFPS
PSWYWDTVTKICVFLFAFVVPILIITVCYGLMLLRLRSVRLLSGSKEKDRSLRRITRMVLVVVVAFVVCWAPIHIFVIVW
TLVDIDRRDPLVVAALHLCIALGYINSSLNPVLYAFLDKNFKRCFRQLCRKPCG
;
_entity_poly.pdbx_strand_id   A,B
#
# COMPACT_ATOMS: atom_id res chain seq x y z
N THR A 49 11.28 -4.42 -31.65
CA THR A 49 10.43 -3.98 -30.54
C THR A 49 11.14 -2.90 -29.70
N MET A 50 10.38 -2.26 -28.78
CA MET A 50 10.87 -1.24 -27.83
C MET A 50 11.74 -1.92 -26.77
N ALA A 51 11.39 -3.18 -26.43
CA ALA A 51 12.09 -4.05 -25.48
C ALA A 51 13.54 -4.23 -25.90
N ASP A 52 13.78 -4.64 -27.17
CA ASP A 52 15.10 -4.83 -27.77
C ASP A 52 15.93 -3.54 -27.63
N LEU A 53 15.34 -2.38 -27.99
CA LEU A 53 15.96 -1.05 -27.92
C LEU A 53 16.30 -0.68 -26.48
N GLU A 54 15.42 -1.07 -25.54
CA GLU A 54 15.59 -0.83 -24.11
C GLU A 54 16.78 -1.66 -23.60
N ASP A 55 16.80 -2.96 -23.96
CA ASP A 55 17.84 -3.92 -23.59
C ASP A 55 19.20 -3.55 -24.18
N ASN A 56 19.26 -3.14 -25.47
CA ASN A 56 20.50 -2.73 -26.15
C ASN A 56 21.06 -1.44 -25.53
N TRP A 57 20.20 -0.42 -25.31
CA TRP A 57 20.57 0.86 -24.71
C TRP A 57 21.16 0.61 -23.30
N GLU A 58 20.67 -0.43 -22.60
CA GLU A 58 21.16 -0.84 -21.28
C GLU A 58 22.57 -1.44 -21.41
N THR A 59 22.77 -2.47 -22.30
CA THR A 59 24.06 -3.15 -22.53
C THR A 59 25.15 -2.20 -22.93
N LEU A 60 24.79 -1.22 -23.75
CA LEU A 60 25.69 -0.18 -24.20
C LEU A 60 26.24 0.56 -22.96
N ASN A 61 25.34 1.17 -22.15
CA ASN A 61 25.69 1.95 -20.96
C ASN A 61 26.26 1.08 -19.82
N ASP A 62 25.96 -0.24 -19.82
CA ASP A 62 26.48 -1.20 -18.85
C ASP A 62 27.93 -1.50 -19.15
N ASN A 63 28.24 -1.78 -20.44
CA ASN A 63 29.59 -2.07 -20.91
C ASN A 63 30.47 -0.81 -20.95
N LEU A 64 29.87 0.38 -20.69
CA LEU A 64 30.53 1.68 -20.67
C LEU A 64 31.24 1.92 -19.34
N LYS A 65 30.70 1.37 -18.25
CA LYS A 65 31.30 1.49 -16.93
C LYS A 65 32.25 0.30 -16.68
N VAL A 66 32.12 -0.78 -17.48
CA VAL A 66 32.97 -1.99 -17.41
C VAL A 66 34.40 -1.61 -17.91
N ILE A 67 34.48 -0.55 -18.74
CA ILE A 67 35.74 0.00 -19.26
C ILE A 67 36.47 0.72 -18.10
N GLU A 68 35.71 1.36 -17.19
CA GLU A 68 36.27 2.04 -16.01
C GLU A 68 36.79 0.98 -15.03
N LYS A 69 35.97 -0.07 -14.81
CA LYS A 69 36.22 -1.23 -13.95
C LYS A 69 37.27 -2.19 -14.56
N ALA A 70 37.63 -1.98 -15.83
CA ALA A 70 38.64 -2.78 -16.52
C ALA A 70 40.02 -2.44 -16.00
N ASP A 71 40.90 -3.45 -15.91
CA ASP A 71 42.27 -3.32 -15.40
C ASP A 71 43.31 -3.80 -16.44
N ASN A 72 42.84 -4.53 -17.48
CA ASN A 72 43.64 -5.08 -18.58
C ASN A 72 42.84 -5.05 -19.89
N ALA A 73 43.54 -4.98 -21.04
CA ALA A 73 43.00 -4.89 -22.41
C ALA A 73 41.96 -6.00 -22.73
N ALA A 74 42.06 -7.17 -22.06
CA ALA A 74 41.15 -8.31 -22.22
C ALA A 74 39.72 -7.92 -21.88
N GLN A 75 39.56 -7.15 -20.78
CA GLN A 75 38.27 -6.65 -20.30
C GLN A 75 37.81 -5.47 -21.16
N VAL A 76 38.76 -4.56 -21.54
CA VAL A 76 38.50 -3.34 -22.32
C VAL A 76 37.98 -3.68 -23.74
N LYS A 77 38.62 -4.66 -24.43
CA LYS A 77 38.24 -5.09 -25.79
C LYS A 77 36.86 -5.76 -25.81
N ASP A 78 36.57 -6.60 -24.79
CA ASP A 78 35.32 -7.34 -24.61
C ASP A 78 34.11 -6.38 -24.47
N ALA A 79 34.26 -5.30 -23.68
CA ALA A 79 33.22 -4.30 -23.43
C ALA A 79 32.91 -3.49 -24.69
N LEU A 80 33.95 -3.08 -25.42
CA LEU A 80 33.84 -2.31 -26.65
C LEU A 80 33.19 -3.12 -27.78
N THR A 81 33.50 -4.43 -27.86
CA THR A 81 32.93 -5.35 -28.86
C THR A 81 31.41 -5.46 -28.64
N LYS A 82 30.98 -5.62 -27.36
CA LYS A 82 29.57 -5.72 -26.98
C LYS A 82 28.85 -4.40 -27.24
N MET A 83 29.50 -3.26 -26.88
CA MET A 83 29.00 -1.91 -27.09
C MET A 83 28.75 -1.61 -28.57
N ARG A 84 29.69 -2.05 -29.46
CA ARG A 84 29.65 -1.85 -30.91
C ARG A 84 28.42 -2.52 -31.49
N ALA A 85 28.23 -3.82 -31.19
CA ALA A 85 27.11 -4.62 -31.65
C ALA A 85 25.80 -4.02 -31.19
N ALA A 86 25.73 -3.60 -29.89
CA ALA A 86 24.57 -3.00 -29.24
C ALA A 86 24.17 -1.69 -29.89
N ALA A 87 25.15 -0.82 -30.25
CA ALA A 87 24.90 0.48 -30.89
C ALA A 87 24.35 0.28 -32.29
N LEU A 88 24.92 -0.70 -33.03
CA LEU A 88 24.54 -1.05 -34.40
C LEU A 88 23.10 -1.57 -34.47
N ASP A 89 22.65 -2.26 -33.40
CA ASP A 89 21.31 -2.83 -33.28
C ASP A 89 20.32 -1.77 -32.80
N ALA A 90 20.80 -0.79 -32.02
CA ALA A 90 19.97 0.29 -31.49
C ALA A 90 19.63 1.31 -32.57
N GLN A 91 20.55 1.54 -33.55
CA GLN A 91 20.29 2.47 -34.65
C GLN A 91 19.25 1.89 -35.62
N LYS A 92 19.15 0.55 -35.67
CA LYS A 92 18.17 -0.19 -36.49
C LYS A 92 16.73 0.01 -35.94
N ALA A 93 16.61 0.32 -34.63
CA ALA A 93 15.37 0.51 -33.87
C ALA A 93 14.76 1.90 -34.08
N THR A 94 13.62 2.16 -33.40
CA THR A 94 12.87 3.42 -33.41
C THR A 94 12.62 3.87 -31.97
N PRO A 95 12.98 5.14 -31.62
CA PRO A 95 12.75 5.63 -30.25
C PRO A 95 11.27 5.72 -29.90
N PRO A 96 10.89 5.78 -28.60
CA PRO A 96 9.46 5.92 -28.26
C PRO A 96 8.94 7.27 -28.80
N LYS A 97 9.74 8.35 -28.62
CA LYS A 97 9.55 9.74 -29.05
C LYS A 97 9.23 9.82 -30.55
N LEU A 98 9.92 9.00 -31.37
CA LEU A 98 9.77 9.00 -32.82
C LEU A 98 8.99 7.77 -33.33
N GLU A 99 8.17 7.13 -32.47
CA GLU A 99 7.34 5.96 -32.85
C GLU A 99 6.18 6.34 -33.80
N ASP A 100 6.19 7.62 -34.25
CA ASP A 100 5.20 8.31 -35.11
C ASP A 100 5.83 8.99 -36.34
N LYS A 101 7.17 9.11 -36.36
CA LYS A 101 7.94 9.76 -37.43
C LYS A 101 8.44 8.72 -38.45
N SER A 102 8.53 9.15 -39.72
CA SER A 102 8.96 8.37 -40.89
C SER A 102 10.33 7.71 -40.69
N PRO A 103 10.58 6.48 -41.20
CA PRO A 103 11.91 5.87 -41.04
C PRO A 103 12.98 6.68 -41.76
N ASP A 104 12.55 7.58 -42.68
CA ASP A 104 13.43 8.47 -43.43
C ASP A 104 13.16 9.97 -43.08
N SER A 105 12.63 10.25 -41.88
CA SER A 105 12.40 11.62 -41.42
C SER A 105 13.72 12.21 -40.88
N PRO A 106 13.89 13.55 -40.74
CA PRO A 106 15.18 14.09 -40.27
C PRO A 106 15.56 13.69 -38.84
N GLU A 107 14.56 13.58 -37.96
CA GLU A 107 14.72 13.18 -36.55
C GLU A 107 15.20 11.72 -36.46
N MET A 108 14.71 10.89 -37.38
CA MET A 108 15.04 9.48 -37.49
C MET A 108 16.46 9.32 -38.05
N LYS A 109 16.83 10.18 -39.01
CA LYS A 109 18.15 10.20 -39.65
C LYS A 109 19.23 10.71 -38.68
N ASP A 110 18.89 11.65 -37.74
CA ASP A 110 19.87 12.15 -36.75
C ASP A 110 20.07 11.10 -35.67
N PHE A 111 19.00 10.39 -35.32
CA PHE A 111 19.05 9.34 -34.30
C PHE A 111 20.11 8.34 -34.70
N ARG A 112 19.99 7.82 -35.93
CA ARG A 112 20.90 6.85 -36.53
C ARG A 112 22.28 7.45 -36.77
N HIS A 113 22.39 8.79 -37.00
CA HIS A 113 23.67 9.46 -37.20
C HIS A 113 24.53 9.44 -35.93
N GLY A 114 23.88 9.59 -34.77
CA GLY A 114 24.55 9.57 -33.48
C GLY A 114 25.28 8.27 -33.20
N PHE A 115 24.66 7.14 -33.60
CA PHE A 115 25.22 5.80 -33.45
C PHE A 115 26.39 5.57 -34.42
N ASP A 116 26.39 6.25 -35.59
CA ASP A 116 27.47 6.21 -36.57
C ASP A 116 28.71 6.89 -35.98
N ILE A 117 28.51 7.98 -35.21
CA ILE A 117 29.58 8.71 -34.53
C ILE A 117 30.12 7.81 -33.41
N LEU A 118 29.18 7.19 -32.65
CA LEU A 118 29.44 6.29 -31.53
C LEU A 118 30.26 5.06 -31.97
N VAL A 119 29.81 4.29 -33.00
CA VAL A 119 30.50 3.11 -33.55
C VAL A 119 31.90 3.51 -34.00
N GLY A 120 32.01 4.67 -34.65
CA GLY A 120 33.26 5.24 -35.12
C GLY A 120 34.28 5.39 -34.01
N GLN A 121 33.83 5.93 -32.87
CA GLN A 121 34.67 6.14 -31.69
C GLN A 121 35.00 4.81 -31.02
N ILE A 122 34.05 3.83 -31.04
CA ILE A 122 34.24 2.49 -30.48
C ILE A 122 35.36 1.80 -31.29
N ASP A 123 35.33 1.94 -32.63
CA ASP A 123 36.32 1.41 -33.54
C ASP A 123 37.72 1.96 -33.25
N ASP A 124 37.80 3.26 -32.88
CA ASP A 124 39.05 3.92 -32.53
C ASP A 124 39.53 3.46 -31.16
N ALA A 125 38.60 3.22 -30.22
CA ALA A 125 38.89 2.75 -28.88
C ALA A 125 39.34 1.27 -28.89
N LEU A 126 38.82 0.48 -29.86
CA LEU A 126 39.14 -0.93 -30.03
C LEU A 126 40.58 -1.14 -30.52
N LYS A 127 41.08 -0.27 -31.43
CA LYS A 127 42.43 -0.36 -31.98
C LYS A 127 43.49 -0.17 -30.89
N LEU A 128 43.22 0.71 -29.91
CA LEU A 128 44.09 0.98 -28.77
C LEU A 128 44.09 -0.22 -27.80
N ALA A 129 42.95 -0.94 -27.69
CA ALA A 129 42.82 -2.15 -26.88
C ALA A 129 43.55 -3.33 -27.58
N ASN A 130 43.54 -3.33 -28.93
CA ASN A 130 44.22 -4.31 -29.78
C ASN A 130 45.74 -4.12 -29.67
N GLU A 131 46.19 -2.85 -29.55
CA GLU A 131 47.59 -2.45 -29.39
C GLU A 131 48.13 -2.85 -28.01
N GLY A 132 47.22 -2.98 -27.03
CA GLY A 132 47.54 -3.35 -25.66
C GLY A 132 47.68 -2.18 -24.71
N LYS A 133 47.25 -0.96 -25.14
CA LYS A 133 47.33 0.27 -24.34
C LYS A 133 45.95 0.58 -23.72
N VAL A 134 45.83 0.31 -22.41
CA VAL A 134 44.61 0.49 -21.62
C VAL A 134 44.44 1.95 -21.14
N LYS A 135 45.49 2.78 -21.27
CA LYS A 135 45.44 4.19 -20.85
C LYS A 135 44.62 5.00 -21.85
N GLU A 136 44.93 4.88 -23.17
CA GLU A 136 44.29 5.58 -24.29
C GLU A 136 42.90 5.03 -24.60
N ALA A 137 42.71 3.70 -24.47
CA ALA A 137 41.44 3.02 -24.72
C ALA A 137 40.40 3.38 -23.63
N GLN A 138 40.85 3.52 -22.38
CA GLN A 138 40.01 3.92 -21.23
C GLN A 138 39.60 5.39 -21.35
N ALA A 139 40.53 6.23 -21.89
CA ALA A 139 40.36 7.67 -22.10
C ALA A 139 39.48 7.98 -23.32
N ALA A 140 39.50 7.10 -24.34
CA ALA A 140 38.66 7.25 -25.55
C ALA A 140 37.18 7.04 -25.20
N ALA A 141 36.90 6.26 -24.11
CA ALA A 141 35.58 5.96 -23.56
C ALA A 141 34.91 7.23 -22.99
N GLU A 142 35.74 8.24 -22.61
CA GLU A 142 35.25 9.55 -22.12
C GLU A 142 34.57 10.27 -23.29
N GLN A 143 35.16 10.20 -24.49
CA GLN A 143 34.61 10.80 -25.72
C GLN A 143 33.29 10.09 -26.12
N LEU A 144 33.12 8.80 -25.71
CA LEU A 144 31.94 7.98 -25.98
C LEU A 144 30.77 8.32 -25.06
N LYS A 145 31.06 8.67 -23.79
CA LYS A 145 30.07 9.06 -22.78
C LYS A 145 29.43 10.41 -23.13
N THR A 146 30.19 11.29 -23.81
CA THR A 146 29.75 12.62 -24.23
C THR A 146 28.89 12.54 -25.50
N THR A 147 29.24 11.61 -26.43
CA THR A 147 28.58 11.40 -27.73
C THR A 147 27.16 10.87 -27.55
N ARG A 148 26.93 9.93 -26.60
CA ARG A 148 25.60 9.37 -26.36
C ARG A 148 24.65 10.45 -25.81
N ASN A 149 25.21 11.46 -25.11
CA ASN A 149 24.48 12.59 -24.57
C ASN A 149 24.16 13.63 -25.65
N ALA A 150 25.20 14.05 -26.41
CA ALA A 150 25.17 15.09 -27.43
C ALA A 150 24.33 14.77 -28.68
N TYR A 151 23.98 13.49 -28.93
CA TYR A 151 23.24 13.14 -30.15
C TYR A 151 22.04 12.20 -29.94
N ILE A 152 22.18 11.13 -29.14
CA ILE A 152 21.16 10.09 -28.96
C ILE A 152 20.25 10.32 -27.73
N GLN A 153 20.78 10.87 -26.63
CA GLN A 153 20.05 11.13 -25.38
C GLN A 153 18.73 11.86 -25.59
N LYS A 154 18.68 12.77 -26.59
CA LYS A 154 17.52 13.56 -27.01
C LYS A 154 16.30 12.68 -27.33
N TYR A 155 16.55 11.46 -27.85
CA TYR A 155 15.55 10.48 -28.32
C TYR A 155 15.31 9.33 -27.33
N LEU A 156 16.23 9.13 -26.37
CA LEU A 156 16.11 8.01 -25.43
C LEU A 156 16.20 8.45 -23.95
N ARG A 157 15.13 9.10 -23.45
CA ARG A 157 15.05 9.53 -22.04
C ARG A 157 14.30 8.49 -21.22
N SER A 158 14.82 8.18 -20.02
CA SER A 158 14.26 7.19 -19.10
C SER A 158 13.83 7.81 -17.75
N ALA A 159 12.81 7.23 -17.11
CA ALA A 159 12.27 7.65 -15.82
C ALA A 159 12.38 6.51 -14.80
N SER A 160 12.62 6.84 -13.52
CA SER A 160 12.75 5.84 -12.44
C SER A 160 11.40 5.37 -11.91
N SER A 161 11.13 4.05 -12.07
CA SER A 161 9.89 3.40 -11.64
C SER A 161 10.02 2.83 -10.21
N LEU A 162 10.47 3.68 -9.27
CA LEU A 162 10.62 3.40 -7.85
C LEU A 162 9.32 3.75 -7.18
N ALA A 163 8.66 4.82 -7.67
CA ALA A 163 7.37 5.32 -7.17
C ALA A 163 6.29 4.25 -7.30
N LEU A 164 6.33 3.49 -8.40
CA LEU A 164 5.39 2.42 -8.69
C LEU A 164 5.64 1.21 -7.80
N ALA A 165 6.92 0.77 -7.68
CA ALA A 165 7.31 -0.36 -6.84
C ALA A 165 6.85 -0.16 -5.40
N ILE A 166 6.90 1.10 -4.89
CA ILE A 166 6.45 1.46 -3.53
C ILE A 166 4.91 1.31 -3.44
N ALA A 167 4.17 1.84 -4.44
CA ALA A 167 2.71 1.80 -4.50
C ALA A 167 2.20 0.37 -4.51
N ILE A 168 2.89 -0.53 -5.22
CA ILE A 168 2.54 -1.95 -5.31
C ILE A 168 2.81 -2.62 -3.94
N THR A 169 4.02 -2.38 -3.36
CA THR A 169 4.45 -2.90 -2.05
C THR A 169 3.47 -2.45 -0.98
N ALA A 170 2.94 -1.23 -1.13
CA ALA A 170 1.97 -0.67 -0.23
C ALA A 170 0.63 -1.38 -0.35
N LEU A 171 0.17 -1.63 -1.60
CA LEU A 171 -1.10 -2.30 -1.84
C LEU A 171 -1.07 -3.71 -1.27
N TYR A 172 -0.03 -4.50 -1.63
CA TYR A 172 0.16 -5.87 -1.18
C TYR A 172 0.37 -6.01 0.32
N SER A 173 1.05 -5.05 0.95
CA SER A 173 1.27 -5.12 2.39
C SER A 173 -0.05 -4.83 3.15
N ALA A 174 -0.82 -3.83 2.68
CA ALA A 174 -2.11 -3.46 3.28
C ALA A 174 -3.13 -4.55 3.04
N VAL A 175 -3.09 -5.19 1.86
CA VAL A 175 -4.01 -6.29 1.57
C VAL A 175 -3.63 -7.51 2.41
N CYS A 176 -2.31 -7.70 2.65
CA CYS A 176 -1.82 -8.81 3.46
C CYS A 176 -2.21 -8.61 4.94
N ALA A 177 -1.79 -7.49 5.56
CA ALA A 177 -2.07 -7.24 6.96
C ALA A 177 -3.56 -7.17 7.27
N VAL A 178 -4.39 -6.59 6.37
CA VAL A 178 -5.83 -6.51 6.65
C VAL A 178 -6.42 -7.93 6.51
N GLY A 179 -6.10 -8.60 5.41
CA GLY A 179 -6.54 -9.96 5.11
C GLY A 179 -6.13 -10.97 6.15
N LEU A 180 -4.84 -11.38 6.12
CA LEU A 180 -4.23 -12.36 7.02
C LEU A 180 -4.58 -12.13 8.50
N LEU A 181 -4.27 -10.93 9.06
CA LEU A 181 -4.58 -10.67 10.46
C LEU A 181 -6.10 -10.67 10.76
N GLY A 182 -6.88 -10.09 9.86
CA GLY A 182 -8.34 -10.03 9.97
C GLY A 182 -8.99 -11.39 10.02
N ASN A 183 -8.59 -12.30 9.10
CA ASN A 183 -9.10 -13.67 9.02
C ASN A 183 -8.67 -14.54 10.21
N VAL A 184 -7.41 -14.38 10.70
CA VAL A 184 -6.90 -15.12 11.86
C VAL A 184 -7.74 -14.74 13.11
N LEU A 185 -8.02 -13.43 13.25
CA LEU A 185 -8.85 -12.86 14.32
C LEU A 185 -10.27 -13.43 14.25
N VAL A 186 -10.83 -13.57 13.02
CA VAL A 186 -12.17 -14.13 12.76
C VAL A 186 -12.19 -15.59 13.22
N MET A 187 -11.16 -16.36 12.80
CA MET A 187 -11.01 -17.77 13.15
C MET A 187 -10.86 -17.96 14.66
N PHE A 188 -10.06 -17.11 15.34
CA PHE A 188 -9.82 -17.17 16.78
C PHE A 188 -11.12 -16.99 17.59
N VAL A 189 -11.95 -15.98 17.25
CA VAL A 189 -13.19 -15.71 17.97
C VAL A 189 -14.28 -16.73 17.59
N ILE A 190 -14.10 -17.49 16.48
CA ILE A 190 -15.04 -18.54 16.12
C ILE A 190 -14.63 -19.83 16.91
N VAL A 191 -13.46 -19.79 17.57
CA VAL A 191 -12.98 -20.91 18.37
C VAL A 191 -13.11 -20.58 19.88
N ARG A 192 -12.41 -19.52 20.35
CA ARG A 192 -12.34 -19.10 21.74
C ARG A 192 -13.62 -18.49 22.30
N TYR A 193 -14.45 -17.84 21.47
CA TYR A 193 -15.66 -17.20 21.99
C TYR A 193 -16.98 -17.80 21.46
N THR A 194 -17.43 -17.46 20.24
CA THR A 194 -18.66 -18.05 19.67
C THR A 194 -18.24 -19.38 19.06
N LYS A 195 -18.19 -20.46 19.90
CA LYS A 195 -17.84 -21.82 19.45
C LYS A 195 -18.83 -22.07 18.29
N MET A 196 -18.38 -22.76 17.21
CA MET A 196 -19.15 -23.03 16.00
C MET A 196 -20.34 -24.01 16.20
N LYS A 197 -21.37 -23.51 16.88
CA LYS A 197 -22.60 -24.22 17.15
C LYS A 197 -23.56 -24.07 15.96
N THR A 198 -23.44 -22.95 15.18
CA THR A 198 -24.29 -22.68 14.02
C THR A 198 -23.61 -23.09 12.72
N ALA A 199 -24.42 -23.29 11.65
CA ALA A 199 -23.96 -23.66 10.32
C ALA A 199 -23.19 -22.52 9.70
N THR A 200 -23.61 -21.26 9.95
CA THR A 200 -22.96 -20.05 9.44
C THR A 200 -21.51 -19.91 10.00
N ASN A 201 -21.33 -20.12 11.33
CA ASN A 201 -20.04 -20.07 12.04
C ASN A 201 -19.02 -21.05 11.48
N ILE A 202 -19.51 -22.13 10.85
CA ILE A 202 -18.68 -23.15 10.22
C ILE A 202 -18.29 -22.63 8.81
N TYR A 203 -19.25 -22.06 8.05
CA TYR A 203 -19.02 -21.50 6.71
C TYR A 203 -18.09 -20.31 6.78
N ILE A 204 -18.22 -19.45 7.81
CA ILE A 204 -17.34 -18.29 8.01
C ILE A 204 -15.95 -18.78 8.38
N PHE A 205 -15.83 -19.85 9.22
CA PHE A 205 -14.51 -20.41 9.59
C PHE A 205 -13.77 -20.88 8.34
N SER A 206 -14.48 -21.62 7.48
CA SER A 206 -13.98 -22.17 6.23
C SER A 206 -13.48 -21.06 5.32
N LEU A 207 -14.32 -20.01 5.16
CA LEU A 207 -14.01 -18.84 4.34
C LEU A 207 -12.75 -18.13 4.84
N ALA A 208 -12.71 -17.86 6.18
CA ALA A 208 -11.60 -17.20 6.88
C ALA A 208 -10.32 -18.05 6.85
N LEU A 209 -10.43 -19.39 6.85
CA LEU A 209 -9.27 -20.25 6.78
C LEU A 209 -8.65 -20.11 5.39
N ALA A 210 -9.51 -20.15 4.35
CA ALA A 210 -9.13 -20.01 2.95
C ALA A 210 -8.55 -18.61 2.66
N GLY A 211 -9.15 -17.58 3.27
CA GLY A 211 -8.71 -16.20 3.11
C GLY A 211 -7.33 -15.93 3.71
N ALA A 212 -7.05 -16.53 4.91
CA ALA A 212 -5.78 -16.39 5.64
C ALA A 212 -4.64 -17.10 4.93
N LEU A 213 -4.93 -18.25 4.27
CA LEU A 213 -3.93 -18.99 3.51
C LEU A 213 -3.59 -18.23 2.25
N ALA A 214 -4.61 -17.60 1.64
CA ALA A 214 -4.48 -16.81 0.42
C ALA A 214 -3.49 -15.67 0.61
N THR A 215 -3.70 -14.86 1.66
CA THR A 215 -2.85 -13.71 1.98
C THR A 215 -1.47 -14.11 2.52
N SER A 216 -1.32 -15.33 3.07
CA SER A 216 -0.04 -15.82 3.62
C SER A 216 1.00 -16.04 2.51
N THR A 217 0.58 -16.00 1.22
CA THR A 217 1.47 -16.15 0.05
C THR A 217 2.02 -14.78 -0.37
N LEU A 218 1.24 -13.69 -0.16
CA LEU A 218 1.58 -12.31 -0.54
C LEU A 218 3.01 -11.93 -0.17
N PRO A 219 3.52 -12.09 1.08
CA PRO A 219 4.93 -11.72 1.37
C PRO A 219 5.97 -12.31 0.39
N PHE A 220 5.79 -13.56 -0.07
CA PHE A 220 6.71 -14.23 -1.01
C PHE A 220 6.67 -13.73 -2.43
N GLN A 221 5.46 -13.52 -2.99
CA GLN A 221 5.26 -12.99 -4.35
C GLN A 221 5.47 -11.43 -4.44
N SER A 222 5.43 -10.76 -3.26
CA SER A 222 5.69 -9.32 -3.09
C SER A 222 7.20 -9.19 -3.15
N ALA A 223 7.93 -10.20 -2.64
CA ALA A 223 9.39 -10.27 -2.66
C ALA A 223 9.86 -10.56 -4.07
N ASP A 224 9.23 -11.53 -4.75
CA ASP A 224 9.54 -11.93 -6.12
C ASP A 224 9.35 -10.74 -7.09
N TYR A 225 8.34 -9.85 -6.87
CA TYR A 225 8.13 -8.67 -7.72
C TYR A 225 9.31 -7.71 -7.59
N LEU A 226 9.74 -7.46 -6.34
CA LEU A 226 10.81 -6.53 -6.01
C LEU A 226 12.19 -7.01 -6.49
N MET A 227 12.56 -8.28 -6.23
CA MET A 227 13.89 -8.78 -6.63
C MET A 227 13.89 -9.52 -8.00
N GLU A 228 12.71 -9.66 -8.64
CA GLU A 228 12.48 -10.30 -9.97
C GLU A 228 12.86 -11.82 -10.02
N THR A 229 13.58 -12.34 -8.99
CA THR A 229 14.07 -13.71 -8.83
C THR A 229 13.35 -14.41 -7.64
N TRP A 230 13.29 -15.77 -7.66
CA TRP A 230 12.69 -16.59 -6.59
C TRP A 230 13.79 -17.19 -5.70
N PRO A 231 14.08 -16.56 -4.53
CA PRO A 231 15.15 -17.07 -3.67
C PRO A 231 14.78 -18.22 -2.70
N PHE A 232 13.49 -18.39 -2.42
CA PHE A 232 12.94 -19.32 -1.45
C PHE A 232 13.07 -20.83 -1.84
N GLY A 233 13.38 -21.11 -3.10
CA GLY A 233 13.58 -22.49 -3.58
C GLY A 233 12.33 -23.25 -3.94
N GLU A 234 12.51 -24.46 -4.55
CA GLU A 234 11.45 -25.36 -5.06
C GLU A 234 10.45 -25.81 -4.00
N LEU A 235 10.92 -26.17 -2.80
CA LEU A 235 10.07 -26.63 -1.68
C LEU A 235 9.08 -25.52 -1.28
N LEU A 236 9.52 -24.24 -1.24
CA LEU A 236 8.66 -23.09 -0.93
C LEU A 236 7.94 -22.57 -2.19
N CYS A 237 8.35 -23.04 -3.38
CA CYS A 237 7.76 -22.70 -4.68
C CYS A 237 6.52 -23.55 -4.83
N LYS A 238 6.64 -24.85 -4.50
CA LYS A 238 5.58 -25.84 -4.52
C LYS A 238 4.55 -25.53 -3.43
N ALA A 239 5.03 -25.09 -2.25
CA ALA A 239 4.18 -24.73 -1.13
C ALA A 239 3.36 -23.47 -1.45
N VAL A 240 3.98 -22.43 -2.06
CA VAL A 240 3.31 -21.15 -2.38
C VAL A 240 2.34 -21.31 -3.57
N LEU A 241 2.82 -21.88 -4.70
CA LEU A 241 1.98 -22.03 -5.88
C LEU A 241 0.72 -22.86 -5.61
N SER A 242 0.84 -23.95 -4.81
CA SER A 242 -0.30 -24.82 -4.48
C SER A 242 -1.34 -24.12 -3.60
N ILE A 243 -0.89 -23.50 -2.48
CA ILE A 243 -1.74 -22.77 -1.53
C ILE A 243 -2.49 -21.65 -2.26
N ASP A 244 -1.80 -20.91 -3.14
CA ASP A 244 -2.41 -19.82 -3.91
C ASP A 244 -3.66 -20.31 -4.68
N TYR A 245 -3.51 -21.36 -5.51
CA TYR A 245 -4.57 -21.96 -6.32
C TYR A 245 -5.63 -22.68 -5.49
N TYR A 246 -5.19 -23.52 -4.52
CA TYR A 246 -6.06 -24.32 -3.65
C TYR A 246 -6.98 -23.41 -2.82
N SER A 247 -6.41 -22.37 -2.19
CA SER A 247 -7.13 -21.37 -1.40
C SER A 247 -7.99 -20.48 -2.29
N MET A 248 -7.75 -20.48 -3.63
CA MET A 248 -8.60 -19.73 -4.55
C MET A 248 -9.89 -20.49 -4.73
N PHE A 249 -9.77 -21.80 -4.96
CA PHE A 249 -10.92 -22.66 -5.17
C PHE A 249 -11.72 -22.86 -3.89
N THR A 250 -11.06 -23.19 -2.74
CA THR A 250 -11.77 -23.40 -1.47
C THR A 250 -12.50 -22.13 -1.03
N SER A 251 -11.92 -20.94 -1.31
CA SER A 251 -12.54 -19.66 -0.93
C SER A 251 -13.76 -19.36 -1.77
N ILE A 252 -13.69 -19.63 -3.09
CA ILE A 252 -14.78 -19.36 -3.99
C ILE A 252 -15.94 -20.35 -3.72
N PHE A 253 -15.64 -21.65 -3.63
CA PHE A 253 -16.66 -22.66 -3.43
C PHE A 253 -17.32 -22.60 -2.05
N THR A 254 -16.65 -22.15 -0.96
CA THR A 254 -17.41 -22.05 0.30
C THR A 254 -18.29 -20.82 0.24
N LEU A 255 -17.79 -19.75 -0.41
CA LEU A 255 -18.55 -18.52 -0.61
C LEU A 255 -19.82 -18.85 -1.38
N THR A 256 -19.71 -19.66 -2.48
CA THR A 256 -20.85 -20.08 -3.32
C THR A 256 -21.85 -20.94 -2.52
N MET A 257 -21.33 -21.91 -1.74
CA MET A 257 -22.13 -22.79 -0.89
C MET A 257 -22.84 -22.01 0.23
N MET A 258 -22.18 -20.96 0.74
CA MET A 258 -22.71 -20.07 1.76
C MET A 258 -23.93 -19.32 1.23
N CYS A 259 -23.95 -19.03 -0.09
CA CYS A 259 -25.06 -18.37 -0.80
C CYS A 259 -26.20 -19.37 -1.00
N VAL A 260 -25.85 -20.66 -1.19
CA VAL A 260 -26.82 -21.75 -1.34
C VAL A 260 -27.50 -21.98 0.01
N ASP A 261 -26.71 -21.92 1.11
CA ASP A 261 -27.15 -22.10 2.49
C ASP A 261 -28.13 -21.01 2.86
N ARG A 262 -27.85 -19.74 2.48
CA ARG A 262 -28.76 -18.63 2.75
C ARG A 262 -30.01 -18.72 1.88
N TYR A 263 -29.91 -19.35 0.68
CA TYR A 263 -31.07 -19.55 -0.19
C TYR A 263 -32.06 -20.49 0.52
N ILE A 264 -31.55 -21.60 1.08
CA ILE A 264 -32.33 -22.62 1.81
C ILE A 264 -32.90 -21.97 3.07
N ALA A 265 -32.08 -21.16 3.77
CA ALA A 265 -32.49 -20.42 4.96
C ALA A 265 -33.70 -19.51 4.67
N VAL A 266 -33.63 -18.71 3.58
CA VAL A 266 -34.69 -17.78 3.16
C VAL A 266 -35.88 -18.51 2.51
N CYS A 267 -35.67 -19.17 1.37
CA CYS A 267 -36.73 -19.79 0.58
C CYS A 267 -37.38 -21.00 1.22
N HIS A 268 -36.62 -21.89 1.89
CA HIS A 268 -37.22 -23.08 2.50
C HIS A 268 -36.95 -23.09 4.01
N PRO A 269 -37.57 -22.19 4.83
CA PRO A 269 -37.21 -22.13 6.26
C PRO A 269 -37.66 -23.33 7.09
N VAL A 270 -38.75 -23.99 6.65
CA VAL A 270 -39.30 -25.15 7.35
C VAL A 270 -38.38 -26.37 7.12
N LYS A 271 -37.84 -26.50 5.89
CA LYS A 271 -36.90 -27.57 5.49
C LYS A 271 -35.48 -27.26 5.98
N ALA A 272 -35.09 -25.96 6.03
CA ALA A 272 -33.78 -25.46 6.47
C ALA A 272 -33.47 -25.88 7.91
N LEU A 273 -34.51 -26.10 8.72
CA LEU A 273 -34.40 -26.50 10.13
C LEU A 273 -33.70 -27.86 10.29
N ASP A 274 -33.61 -28.62 9.21
CA ASP A 274 -33.02 -29.95 9.19
C ASP A 274 -31.76 -29.98 8.38
N PHE A 275 -31.68 -29.18 7.29
CA PHE A 275 -30.49 -29.11 6.43
C PHE A 275 -29.37 -28.29 7.08
N ARG A 276 -29.69 -27.08 7.59
CA ARG A 276 -28.69 -26.15 8.14
C ARG A 276 -28.15 -26.60 9.54
N THR A 277 -27.90 -27.92 9.70
CA THR A 277 -27.34 -28.59 10.88
C THR A 277 -25.82 -28.34 10.91
N PRO A 278 -25.21 -28.02 12.09
CA PRO A 278 -23.76 -27.80 12.13
C PRO A 278 -22.97 -29.04 11.71
N ALA A 279 -23.54 -30.24 11.88
CA ALA A 279 -22.94 -31.50 11.46
C ALA A 279 -22.97 -31.60 9.94
N LYS A 280 -24.08 -31.13 9.31
CA LYS A 280 -24.25 -31.14 7.85
C LYS A 280 -23.31 -30.09 7.20
N ALA A 281 -23.22 -28.88 7.82
CA ALA A 281 -22.35 -27.78 7.37
C ALA A 281 -20.87 -28.20 7.41
N LYS A 282 -20.47 -29.02 8.41
CA LYS A 282 -19.11 -29.55 8.55
C LYS A 282 -18.79 -30.45 7.37
N LEU A 283 -19.74 -31.37 6.99
CA LEU A 283 -19.56 -32.28 5.86
C LEU A 283 -19.25 -31.51 4.56
N ILE A 284 -20.15 -30.57 4.16
CA ILE A 284 -20.07 -29.71 2.96
C ILE A 284 -18.71 -29.03 2.89
N ASN A 285 -18.28 -28.38 3.99
CA ASN A 285 -16.99 -27.67 4.03
C ASN A 285 -15.79 -28.63 3.95
N ILE A 286 -15.89 -29.85 4.52
CA ILE A 286 -14.83 -30.87 4.44
C ILE A 286 -14.70 -31.33 2.99
N CYS A 287 -15.84 -31.50 2.29
CA CYS A 287 -15.90 -31.91 0.89
C CYS A 287 -15.30 -30.86 -0.02
N ILE A 288 -15.49 -29.56 0.32
CA ILE A 288 -14.93 -28.42 -0.41
C ILE A 288 -13.38 -28.47 -0.34
N TRP A 289 -12.82 -28.65 0.88
CA TRP A 289 -11.39 -28.72 1.13
C TRP A 289 -10.80 -30.03 0.62
N VAL A 290 -11.60 -31.10 0.57
CA VAL A 290 -11.12 -32.37 0.02
C VAL A 290 -11.11 -32.27 -1.52
N LEU A 291 -12.23 -31.82 -2.11
CA LEU A 291 -12.41 -31.69 -3.55
C LEU A 291 -11.35 -30.79 -4.22
N ALA A 292 -11.15 -29.58 -3.70
CA ALA A 292 -10.18 -28.62 -4.27
C ALA A 292 -8.72 -29.15 -4.27
N SER A 293 -8.44 -30.33 -3.65
CA SER A 293 -7.12 -30.93 -3.66
C SER A 293 -6.85 -31.59 -5.04
N GLY A 294 -7.86 -31.49 -5.93
CA GLY A 294 -7.80 -31.91 -7.32
C GLY A 294 -7.22 -30.80 -8.18
N VAL A 295 -6.95 -29.66 -7.55
CA VAL A 295 -6.32 -28.44 -8.10
C VAL A 295 -4.99 -28.25 -7.33
N GLY A 296 -5.05 -28.49 -6.02
CA GLY A 296 -3.93 -28.39 -5.09
C GLY A 296 -2.81 -29.35 -5.42
N VAL A 297 -3.11 -30.67 -5.45
CA VAL A 297 -2.13 -31.71 -5.76
C VAL A 297 -1.53 -31.47 -7.18
N PRO A 298 -2.34 -31.37 -8.29
CA PRO A 298 -1.74 -31.14 -9.62
C PRO A 298 -0.79 -29.94 -9.73
N ILE A 299 -1.13 -28.78 -9.08
CA ILE A 299 -0.30 -27.57 -9.12
C ILE A 299 0.98 -27.82 -8.32
N MET A 300 0.84 -28.48 -7.16
CA MET A 300 1.96 -28.82 -6.27
C MET A 300 2.89 -29.81 -6.93
N VAL A 301 2.33 -30.61 -7.86
CA VAL A 301 3.05 -31.62 -8.64
C VAL A 301 3.95 -30.92 -9.68
N MET A 302 3.40 -29.98 -10.47
CA MET A 302 4.14 -29.31 -11.54
C MET A 302 4.77 -27.96 -11.15
N ALA A 303 4.67 -27.52 -9.88
CA ALA A 303 5.32 -26.28 -9.47
C ALA A 303 6.83 -26.49 -9.40
N VAL A 304 7.62 -25.77 -10.22
CA VAL A 304 9.09 -25.95 -10.24
C VAL A 304 9.85 -24.63 -10.32
N THR A 305 11.09 -24.63 -9.78
CA THR A 305 12.04 -23.52 -9.85
C THR A 305 13.05 -23.85 -10.94
N ARG A 306 13.05 -23.02 -11.99
CA ARG A 306 13.88 -23.16 -13.18
C ARG A 306 14.70 -21.87 -13.46
N PRO A 307 15.95 -21.96 -13.98
CA PRO A 307 16.70 -20.73 -14.28
C PRO A 307 16.37 -20.13 -15.67
N ARG A 308 16.09 -18.80 -15.70
CA ARG A 308 15.79 -18.03 -16.91
C ARG A 308 16.62 -16.73 -16.90
N ASP A 309 17.55 -16.59 -17.88
CA ASP A 309 18.46 -15.46 -18.08
C ASP A 309 19.15 -15.06 -16.76
N GLY A 310 19.84 -16.03 -16.17
CA GLY A 310 20.61 -15.84 -14.94
C GLY A 310 19.82 -15.80 -13.66
N ALA A 311 18.50 -15.45 -13.76
CA ALA A 311 17.57 -15.38 -12.63
C ALA A 311 16.88 -16.73 -12.36
N VAL A 312 16.11 -16.83 -11.25
CA VAL A 312 15.38 -18.04 -10.84
C VAL A 312 13.86 -17.76 -10.94
N VAL A 313 13.11 -18.70 -11.54
CA VAL A 313 11.65 -18.56 -11.72
C VAL A 313 10.92 -19.71 -11.02
N CYS A 314 9.73 -19.39 -10.47
CA CYS A 314 8.82 -20.32 -9.82
C CYS A 314 7.59 -20.38 -10.69
N MET A 315 7.48 -21.46 -11.46
CA MET A 315 6.46 -21.64 -12.48
C MET A 315 5.84 -23.03 -12.46
N LEU A 316 4.94 -23.29 -13.43
CA LEU A 316 4.24 -24.55 -13.60
C LEU A 316 4.76 -25.28 -14.84
N GLN A 317 5.33 -26.48 -14.64
CA GLN A 317 5.83 -27.29 -15.72
C GLN A 317 4.71 -28.19 -16.23
N PHE A 318 3.93 -27.67 -17.19
CA PHE A 318 2.83 -28.40 -17.82
C PHE A 318 3.39 -29.52 -18.72
N PRO A 319 2.68 -30.68 -18.83
CA PRO A 319 3.19 -31.77 -19.68
C PRO A 319 3.23 -31.40 -21.15
N SER A 320 4.01 -32.12 -21.97
CA SER A 320 4.12 -31.81 -23.39
C SER A 320 2.77 -32.10 -24.08
N PRO A 321 2.17 -31.14 -24.83
CA PRO A 321 2.64 -29.78 -25.14
C PRO A 321 2.18 -28.77 -24.10
N SER A 322 3.15 -28.20 -23.37
CA SER A 322 2.93 -27.26 -22.27
C SER A 322 1.91 -26.17 -22.62
N TRP A 323 2.06 -25.49 -23.79
CA TRP A 323 1.18 -24.40 -24.28
C TRP A 323 -0.30 -24.82 -24.39
N TYR A 324 -0.57 -26.14 -24.58
CA TYR A 324 -1.94 -26.65 -24.69
C TYR A 324 -2.53 -26.84 -23.28
N TRP A 325 -1.81 -27.56 -22.40
CA TRP A 325 -2.22 -27.82 -21.03
C TRP A 325 -2.24 -26.53 -20.21
N ASP A 326 -1.52 -25.48 -20.66
CA ASP A 326 -1.56 -24.15 -20.06
C ASP A 326 -2.93 -23.55 -20.36
N THR A 327 -3.32 -23.55 -21.65
CA THR A 327 -4.60 -23.09 -22.19
C THR A 327 -5.77 -23.86 -21.52
N VAL A 328 -5.67 -25.22 -21.42
CA VAL A 328 -6.69 -26.08 -20.78
C VAL A 328 -6.99 -25.57 -19.36
N THR A 329 -5.94 -25.49 -18.52
CA THR A 329 -5.98 -25.01 -17.14
C THR A 329 -6.64 -23.63 -17.07
N LYS A 330 -6.25 -22.72 -17.98
CA LYS A 330 -6.79 -21.35 -18.09
C LYS A 330 -8.31 -21.39 -18.39
N ILE A 331 -8.75 -22.18 -19.40
CA ILE A 331 -10.16 -22.34 -19.80
C ILE A 331 -10.93 -23.03 -18.68
N CYS A 332 -10.24 -23.77 -17.81
CA CYS A 332 -10.88 -24.48 -16.71
C CYS A 332 -11.07 -23.61 -15.49
N VAL A 333 -10.02 -22.89 -15.06
CA VAL A 333 -10.13 -22.01 -13.88
C VAL A 333 -11.08 -20.84 -14.19
N PHE A 334 -11.33 -20.53 -15.47
CA PHE A 334 -12.28 -19.47 -15.78
C PHE A 334 -13.72 -19.99 -15.64
N LEU A 335 -13.99 -21.21 -16.13
CA LEU A 335 -15.32 -21.81 -16.04
C LEU A 335 -15.65 -22.20 -14.60
N PHE A 336 -14.76 -22.96 -13.94
CA PHE A 336 -14.96 -23.45 -12.59
C PHE A 336 -14.85 -22.43 -11.46
N ALA A 337 -13.85 -21.50 -11.48
CA ALA A 337 -13.66 -20.53 -10.38
C ALA A 337 -14.17 -19.11 -10.71
N PHE A 338 -15.08 -19.00 -11.70
CA PHE A 338 -15.69 -17.73 -12.09
C PHE A 338 -17.13 -17.91 -12.62
N VAL A 339 -17.27 -18.52 -13.82
CA VAL A 339 -18.54 -18.71 -14.51
C VAL A 339 -19.54 -19.53 -13.68
N VAL A 340 -19.17 -20.76 -13.28
CA VAL A 340 -20.02 -21.66 -12.48
C VAL A 340 -20.39 -20.98 -11.12
N PRO A 341 -19.43 -20.48 -10.29
CA PRO A 341 -19.83 -19.84 -9.02
C PRO A 341 -20.80 -18.67 -9.20
N ILE A 342 -20.67 -17.86 -10.29
CA ILE A 342 -21.57 -16.72 -10.55
C ILE A 342 -22.97 -17.23 -10.85
N LEU A 343 -23.11 -18.20 -11.76
CA LEU A 343 -24.42 -18.75 -12.14
C LEU A 343 -25.18 -19.30 -10.94
N ILE A 344 -24.50 -20.05 -10.04
CA ILE A 344 -25.11 -20.61 -8.83
C ILE A 344 -25.66 -19.49 -7.90
N ILE A 345 -24.81 -18.49 -7.56
CA ILE A 345 -25.14 -17.36 -6.69
C ILE A 345 -26.25 -16.47 -7.35
N THR A 346 -26.19 -16.26 -8.69
CA THR A 346 -27.18 -15.49 -9.46
C THR A 346 -28.53 -16.22 -9.40
N VAL A 347 -28.53 -17.55 -9.62
CA VAL A 347 -29.72 -18.39 -9.56
C VAL A 347 -30.33 -18.30 -8.13
N CYS A 348 -29.49 -18.43 -7.08
CA CYS A 348 -29.92 -18.31 -5.69
C CYS A 348 -30.66 -16.99 -5.50
N TYR A 349 -30.05 -15.86 -5.95
CA TYR A 349 -30.60 -14.50 -5.87
C TYR A 349 -31.94 -14.40 -6.59
N GLY A 350 -31.99 -14.89 -7.83
CA GLY A 350 -33.17 -14.88 -8.68
C GLY A 350 -34.36 -15.62 -8.08
N LEU A 351 -34.08 -16.78 -7.46
CA LEU A 351 -35.10 -17.59 -6.78
C LEU A 351 -35.49 -16.94 -5.46
N MET A 352 -34.51 -16.34 -4.76
CA MET A 352 -34.73 -15.67 -3.49
C MET A 352 -35.63 -14.47 -3.69
N LEU A 353 -35.47 -13.70 -4.79
CA LEU A 353 -36.34 -12.55 -5.06
C LEU A 353 -37.72 -13.00 -5.56
N LEU A 354 -37.75 -14.11 -6.33
CA LEU A 354 -38.96 -14.69 -6.89
C LEU A 354 -39.84 -15.31 -5.80
N ARG A 355 -39.22 -16.02 -4.83
CA ARG A 355 -39.93 -16.69 -3.74
C ARG A 355 -40.15 -15.74 -2.52
N LEU A 356 -39.75 -14.47 -2.66
CA LEU A 356 -40.03 -13.40 -1.70
C LEU A 356 -41.16 -12.54 -2.27
N ARG A 357 -41.29 -12.56 -3.61
CA ARG A 357 -42.35 -11.92 -4.40
C ARG A 357 -43.65 -12.70 -4.15
N SER A 358 -43.52 -14.02 -3.87
CA SER A 358 -44.62 -14.92 -3.57
C SER A 358 -45.19 -14.62 -2.16
N VAL A 359 -44.30 -14.28 -1.19
CA VAL A 359 -44.65 -13.90 0.19
C VAL A 359 -45.32 -12.51 0.15
N ARG A 360 -44.79 -11.62 -0.72
CA ARG A 360 -45.24 -10.25 -0.97
C ARG A 360 -46.64 -10.24 -1.59
N LEU A 361 -46.88 -11.10 -2.62
CA LEU A 361 -48.15 -11.26 -3.34
C LEU A 361 -49.28 -11.69 -2.41
N LEU A 362 -48.95 -12.47 -1.36
CA LEU A 362 -49.88 -12.94 -0.33
C LEU A 362 -50.32 -11.78 0.56
N SER A 363 -49.41 -10.79 0.77
CA SER A 363 -49.57 -9.57 1.58
C SER A 363 -49.91 -9.93 3.05
N GLY A 364 -49.01 -10.70 3.67
CA GLY A 364 -49.15 -11.17 5.04
C GLY A 364 -48.37 -10.37 6.06
N SER A 365 -47.09 -10.75 6.28
CA SER A 365 -46.22 -10.09 7.26
C SER A 365 -45.38 -8.99 6.60
N LYS A 366 -45.47 -7.78 7.16
CA LYS A 366 -44.73 -6.60 6.69
C LYS A 366 -43.30 -6.61 7.25
N GLU A 367 -43.14 -7.05 8.53
CA GLU A 367 -41.85 -7.09 9.23
C GLU A 367 -40.94 -8.26 8.80
N LYS A 368 -41.52 -9.48 8.63
CA LYS A 368 -40.78 -10.70 8.24
C LYS A 368 -40.28 -10.67 6.79
N ASP A 369 -41.08 -10.10 5.86
CA ASP A 369 -40.74 -9.96 4.44
C ASP A 369 -39.60 -8.95 4.24
N ARG A 370 -39.56 -7.89 5.07
CA ARG A 370 -38.53 -6.85 4.94
C ARG A 370 -37.19 -7.35 5.48
N SER A 371 -37.22 -8.23 6.51
CA SER A 371 -36.06 -8.84 7.16
C SER A 371 -35.31 -9.80 6.20
N LEU A 372 -36.09 -10.56 5.41
CA LEU A 372 -35.55 -11.51 4.45
C LEU A 372 -35.14 -10.80 3.15
N ARG A 373 -35.69 -9.59 2.89
CA ARG A 373 -35.36 -8.78 1.72
C ARG A 373 -33.95 -8.19 1.84
N ARG A 374 -33.45 -8.08 3.09
CA ARG A 374 -32.12 -7.60 3.46
C ARG A 374 -31.07 -8.64 3.05
N ILE A 375 -31.36 -9.93 3.29
CA ILE A 375 -30.50 -11.08 2.98
C ILE A 375 -30.42 -11.27 1.45
N THR A 376 -31.52 -11.01 0.74
CA THR A 376 -31.58 -11.10 -0.72
C THR A 376 -30.82 -9.90 -1.35
N ARG A 377 -30.75 -8.74 -0.67
CA ARG A 377 -29.97 -7.62 -1.21
C ARG A 377 -28.48 -7.86 -0.95
N MET A 378 -28.13 -8.61 0.11
CA MET A 378 -26.72 -8.90 0.40
C MET A 378 -26.15 -10.00 -0.54
N VAL A 379 -27.00 -10.92 -1.06
CA VAL A 379 -26.50 -11.93 -2.02
C VAL A 379 -26.15 -11.18 -3.37
N LEU A 380 -26.87 -10.06 -3.66
CA LEU A 380 -26.56 -9.24 -4.84
C LEU A 380 -25.25 -8.49 -4.58
N VAL A 381 -25.03 -8.01 -3.35
CA VAL A 381 -23.78 -7.35 -2.95
C VAL A 381 -22.62 -8.32 -3.22
N VAL A 382 -22.73 -9.56 -2.69
CA VAL A 382 -21.75 -10.64 -2.80
C VAL A 382 -21.37 -10.94 -4.28
N VAL A 383 -22.36 -11.08 -5.18
CA VAL A 383 -22.15 -11.40 -6.59
C VAL A 383 -21.55 -10.20 -7.39
N VAL A 384 -21.98 -8.95 -7.08
CA VAL A 384 -21.45 -7.77 -7.76
C VAL A 384 -19.98 -7.57 -7.32
N ALA A 385 -19.69 -7.75 -6.00
CA ALA A 385 -18.35 -7.71 -5.40
C ALA A 385 -17.47 -8.79 -6.03
N PHE A 386 -18.02 -10.03 -6.15
CA PHE A 386 -17.32 -11.16 -6.75
C PHE A 386 -16.89 -10.82 -8.18
N VAL A 387 -17.81 -10.30 -9.01
CA VAL A 387 -17.54 -9.98 -10.42
C VAL A 387 -16.53 -8.84 -10.55
N VAL A 388 -16.77 -7.70 -9.87
CA VAL A 388 -15.90 -6.52 -9.93
C VAL A 388 -14.45 -6.84 -9.49
N CYS A 389 -14.26 -7.81 -8.56
CA CYS A 389 -12.95 -8.22 -8.05
C CYS A 389 -12.29 -9.30 -8.88
N TRP A 390 -13.09 -10.18 -9.49
CA TRP A 390 -12.52 -11.30 -10.20
C TRP A 390 -12.45 -11.15 -11.72
N ALA A 391 -13.44 -10.47 -12.36
CA ALA A 391 -13.42 -10.26 -13.83
C ALA A 391 -12.10 -9.59 -14.30
N PRO A 392 -11.59 -8.49 -13.67
CA PRO A 392 -10.31 -7.90 -14.11
C PRO A 392 -9.14 -8.88 -14.35
N ILE A 393 -8.81 -9.72 -13.34
CA ILE A 393 -7.71 -10.67 -13.47
C ILE A 393 -8.09 -11.80 -14.44
N HIS A 394 -9.37 -12.23 -14.48
CA HIS A 394 -9.78 -13.31 -15.40
C HIS A 394 -9.69 -12.84 -16.86
N ILE A 395 -9.93 -11.53 -17.09
CA ILE A 395 -9.84 -10.91 -18.41
C ILE A 395 -8.38 -10.80 -18.77
N PHE A 396 -7.56 -10.37 -17.79
CA PHE A 396 -6.11 -10.21 -17.94
C PHE A 396 -5.45 -11.48 -18.39
N VAL A 397 -5.67 -12.61 -17.68
CA VAL A 397 -5.06 -13.91 -18.01
C VAL A 397 -5.49 -14.39 -19.44
N ILE A 398 -6.64 -13.92 -19.97
CA ILE A 398 -7.13 -14.27 -21.32
C ILE A 398 -6.31 -13.47 -22.36
N VAL A 399 -6.23 -12.13 -22.17
CA VAL A 399 -5.54 -11.20 -23.07
C VAL A 399 -4.03 -11.43 -23.01
N TRP A 400 -3.49 -11.84 -21.85
CA TRP A 400 -2.06 -12.13 -21.73
C TRP A 400 -1.69 -13.34 -22.58
N THR A 401 -2.58 -14.37 -22.58
CA THR A 401 -2.46 -15.64 -23.31
C THR A 401 -2.36 -15.40 -24.82
N LEU A 402 -3.27 -14.58 -25.36
CA LEU A 402 -3.38 -14.31 -26.79
C LEU A 402 -2.52 -13.11 -27.22
N VAL A 403 -2.93 -11.88 -26.86
CA VAL A 403 -2.28 -10.62 -27.24
C VAL A 403 -0.92 -10.47 -26.53
N ASP A 404 0.10 -9.99 -27.27
CA ASP A 404 1.44 -9.70 -26.74
C ASP A 404 1.44 -8.26 -26.22
N ILE A 405 1.29 -8.06 -24.90
CA ILE A 405 1.31 -6.72 -24.29
C ILE A 405 2.65 -6.62 -23.55
N ASP A 406 3.41 -5.51 -23.73
CA ASP A 406 4.76 -5.32 -23.16
C ASP A 406 4.71 -5.32 -21.62
N ARG A 407 5.04 -6.49 -21.09
CA ARG A 407 5.10 -6.86 -19.67
C ARG A 407 5.97 -5.91 -18.83
N ARG A 408 6.76 -5.05 -19.49
CA ARG A 408 7.66 -4.11 -18.83
C ARG A 408 7.04 -2.72 -18.67
N ASP A 409 6.03 -2.35 -19.49
CA ASP A 409 5.38 -1.03 -19.42
C ASP A 409 4.88 -0.71 -17.99
N PRO A 410 5.07 0.54 -17.49
CA PRO A 410 4.63 0.85 -16.11
C PRO A 410 3.10 0.85 -15.93
N LEU A 411 2.33 1.24 -16.96
CA LEU A 411 0.87 1.28 -16.91
C LEU A 411 0.37 -0.18 -16.88
N VAL A 412 1.01 -1.09 -17.66
CA VAL A 412 0.63 -2.52 -17.65
C VAL A 412 0.93 -3.16 -16.28
N VAL A 413 2.13 -2.89 -15.70
CA VAL A 413 2.47 -3.38 -14.36
C VAL A 413 1.53 -2.86 -13.21
N ALA A 414 1.08 -1.58 -13.30
CA ALA A 414 0.15 -0.97 -12.35
C ALA A 414 -1.22 -1.60 -12.47
N ALA A 415 -1.66 -1.88 -13.70
CA ALA A 415 -2.97 -2.50 -13.96
C ALA A 415 -2.97 -3.95 -13.50
N LEU A 416 -1.94 -4.75 -13.87
CA LEU A 416 -1.81 -6.16 -13.50
C LEU A 416 -1.82 -6.36 -11.99
N HIS A 417 -0.93 -5.64 -11.25
CA HIS A 417 -0.80 -5.77 -9.80
C HIS A 417 -2.03 -5.26 -9.04
N LEU A 418 -2.82 -4.38 -9.68
CA LEU A 418 -4.09 -3.88 -9.13
C LEU A 418 -5.19 -4.91 -9.33
N CYS A 419 -5.06 -5.73 -10.38
CA CYS A 419 -6.01 -6.78 -10.68
C CYS A 419 -5.77 -7.95 -9.78
N ILE A 420 -4.47 -8.31 -9.57
CA ILE A 420 -4.05 -9.42 -8.70
C ILE A 420 -4.54 -9.16 -7.28
N ALA A 421 -4.36 -7.91 -6.80
CA ALA A 421 -4.76 -7.48 -5.46
C ALA A 421 -6.28 -7.52 -5.30
N LEU A 422 -7.04 -7.11 -6.33
CA LEU A 422 -8.51 -7.12 -6.28
C LEU A 422 -9.08 -8.51 -5.96
N GLY A 423 -8.46 -9.54 -6.53
CA GLY A 423 -8.82 -10.94 -6.30
C GLY A 423 -8.56 -11.33 -4.86
N TYR A 424 -7.38 -10.92 -4.34
CA TYR A 424 -7.00 -11.16 -2.95
C TYR A 424 -7.98 -10.48 -2.01
N ILE A 425 -8.41 -9.24 -2.37
CA ILE A 425 -9.35 -8.41 -1.58
C ILE A 425 -10.69 -9.13 -1.45
N ASN A 426 -11.22 -9.71 -2.54
CA ASN A 426 -12.51 -10.39 -2.48
C ASN A 426 -12.49 -11.62 -1.55
N SER A 427 -11.39 -12.38 -1.52
CA SER A 427 -11.35 -13.58 -0.68
C SER A 427 -10.93 -13.30 0.78
N SER A 428 -10.17 -12.23 1.02
CA SER A 428 -9.72 -11.91 2.36
C SER A 428 -10.74 -10.98 3.09
N LEU A 429 -11.54 -10.17 2.35
CA LEU A 429 -12.55 -9.24 2.92
C LEU A 429 -13.95 -9.87 3.08
N ASN A 430 -14.34 -10.83 2.22
CA ASN A 430 -15.64 -11.52 2.31
C ASN A 430 -15.84 -12.21 3.69
N PRO A 431 -14.87 -12.95 4.29
CA PRO A 431 -15.11 -13.54 5.62
C PRO A 431 -15.05 -12.49 6.73
N VAL A 432 -14.15 -11.50 6.61
CA VAL A 432 -13.96 -10.43 7.58
C VAL A 432 -15.20 -9.54 7.66
N LEU A 433 -15.75 -9.12 6.51
CA LEU A 433 -16.92 -8.26 6.50
C LEU A 433 -18.18 -8.98 6.95
N TYR A 434 -18.39 -10.25 6.53
CA TYR A 434 -19.57 -11.02 6.93
C TYR A 434 -19.65 -11.18 8.45
N ALA A 435 -18.49 -11.49 9.06
CA ALA A 435 -18.30 -11.73 10.47
C ALA A 435 -18.60 -10.49 11.29
N PHE A 436 -17.85 -9.41 11.06
CA PHE A 436 -17.99 -8.16 11.80
C PHE A 436 -19.35 -7.46 11.56
N LEU A 437 -20.14 -7.94 10.57
CA LEU A 437 -21.48 -7.41 10.33
C LEU A 437 -22.57 -8.41 10.85
N ASP A 438 -22.17 -9.68 11.17
CA ASP A 438 -23.07 -10.69 11.75
C ASP A 438 -23.35 -10.30 13.19
N LYS A 439 -24.65 -10.25 13.56
CA LYS A 439 -25.13 -9.85 14.89
C LYS A 439 -24.59 -10.74 16.02
N ASN A 440 -24.66 -12.09 15.87
CA ASN A 440 -24.20 -13.05 16.87
C ASN A 440 -22.68 -12.97 17.08
N PHE A 441 -21.92 -12.76 15.98
CA PHE A 441 -20.46 -12.61 15.99
C PHE A 441 -20.05 -11.30 16.69
N LYS A 442 -20.68 -10.16 16.31
CA LYS A 442 -20.46 -8.82 16.86
C LYS A 442 -20.46 -8.85 18.39
N ARG A 443 -21.38 -9.67 18.98
CA ARG A 443 -21.58 -9.88 20.40
C ARG A 443 -20.30 -10.40 21.11
N CYS A 444 -19.70 -11.50 20.59
CA CYS A 444 -18.49 -12.14 21.13
C CYS A 444 -17.21 -11.32 20.80
N PHE A 445 -17.32 -10.00 20.90
CA PHE A 445 -16.26 -9.05 20.64
C PHE A 445 -16.36 -7.89 21.65
N LEU B 53 -31.39 -0.85 19.18
CA LEU B 53 -31.61 -2.13 18.52
C LEU B 53 -31.36 -1.99 17.02
N GLU B 54 -30.74 -3.03 16.42
CA GLU B 54 -30.40 -3.12 15.00
C GLU B 54 -31.68 -3.16 14.15
N ASP B 55 -32.65 -4.00 14.59
CA ASP B 55 -33.94 -4.18 13.94
C ASP B 55 -34.78 -2.90 13.99
N ASN B 56 -34.78 -2.19 15.15
CA ASN B 56 -35.51 -0.94 15.35
C ASN B 56 -34.95 0.19 14.46
N TRP B 57 -33.60 0.34 14.41
CA TRP B 57 -32.89 1.32 13.59
C TRP B 57 -33.18 1.09 12.10
N GLU B 58 -33.39 -0.20 11.71
CA GLU B 58 -33.73 -0.60 10.35
C GLU B 58 -35.16 -0.14 10.00
N THR B 59 -36.17 -0.44 10.87
CA THR B 59 -37.59 -0.05 10.71
C THR B 59 -37.75 1.47 10.63
N LEU B 60 -36.94 2.20 11.42
CA LEU B 60 -36.92 3.66 11.48
C LEU B 60 -36.53 4.26 10.13
N ASN B 61 -35.52 3.68 9.49
CA ASN B 61 -35.00 4.14 8.20
C ASN B 61 -35.81 3.57 7.02
N ASP B 62 -36.48 2.41 7.22
CA ASP B 62 -37.28 1.72 6.20
C ASP B 62 -38.55 2.50 5.86
N ASN B 63 -39.31 2.92 6.89
CA ASN B 63 -40.54 3.71 6.72
C ASN B 63 -40.22 5.16 6.34
N LEU B 64 -38.98 5.63 6.63
CA LEU B 64 -38.50 6.99 6.37
C LEU B 64 -38.49 7.31 4.86
N LYS B 65 -38.31 6.27 4.03
CA LYS B 65 -38.34 6.42 2.57
C LYS B 65 -39.79 6.25 2.05
N VAL B 66 -40.68 5.63 2.87
CA VAL B 66 -42.08 5.41 2.52
C VAL B 66 -42.85 6.74 2.57
N ALA B 73 -51.91 11.11 2.28
CA ALA B 73 -51.80 11.22 3.74
C ALA B 73 -52.00 9.87 4.45
N ALA B 74 -52.78 8.94 3.85
CA ALA B 74 -53.05 7.60 4.38
C ALA B 74 -51.75 6.80 4.55
N GLN B 75 -50.84 6.91 3.55
CA GLN B 75 -49.53 6.26 3.56
C GLN B 75 -48.56 7.01 4.47
N VAL B 76 -48.60 8.37 4.44
CA VAL B 76 -47.72 9.26 5.22
C VAL B 76 -47.95 9.10 6.74
N LYS B 77 -49.23 9.04 7.20
CA LYS B 77 -49.59 8.88 8.61
C LYS B 77 -49.18 7.50 9.15
N ASP B 78 -49.39 6.44 8.35
CA ASP B 78 -49.07 5.05 8.65
C ASP B 78 -47.56 4.85 8.92
N ALA B 79 -46.69 5.47 8.08
CA ALA B 79 -45.24 5.39 8.19
C ALA B 79 -44.71 6.10 9.45
N LEU B 80 -45.27 7.29 9.74
CA LEU B 80 -44.90 8.10 10.89
C LEU B 80 -45.31 7.42 12.20
N THR B 81 -46.49 6.75 12.22
CA THR B 81 -47.00 6.03 13.39
C THR B 81 -46.05 4.85 13.73
N LYS B 82 -45.61 4.10 12.70
CA LYS B 82 -44.68 2.97 12.83
C LYS B 82 -43.30 3.46 13.28
N MET B 83 -42.83 4.60 12.71
CA MET B 83 -41.57 5.24 13.04
C MET B 83 -41.53 5.67 14.51
N ARG B 84 -42.64 6.26 15.00
CA ARG B 84 -42.81 6.74 16.37
C ARG B 84 -42.63 5.60 17.37
N ALA B 85 -43.37 4.51 17.16
CA ALA B 85 -43.32 3.32 18.01
C ALA B 85 -41.91 2.72 18.02
N ALA B 86 -41.28 2.63 16.83
CA ALA B 86 -39.93 2.09 16.63
C ALA B 86 -38.87 2.91 17.36
N ALA B 87 -38.98 4.26 17.34
CA ALA B 87 -38.06 5.17 18.02
C ALA B 87 -38.17 5.03 19.54
N LEU B 88 -39.42 4.91 20.03
CA LEU B 88 -39.75 4.76 21.45
C LEU B 88 -39.21 3.46 22.02
N ASP B 89 -39.15 2.40 21.18
CA ASP B 89 -38.63 1.09 21.55
C ASP B 89 -37.12 1.05 21.47
N ALA B 90 -36.52 1.85 20.55
CA ALA B 90 -35.08 1.93 20.35
C ALA B 90 -34.40 2.70 21.49
N GLN B 91 -35.07 3.73 22.06
CA GLN B 91 -34.51 4.50 23.17
C GLN B 91 -34.52 3.65 24.47
N LYS B 92 -35.43 2.65 24.56
CA LYS B 92 -35.57 1.73 25.69
C LYS B 92 -34.39 0.75 25.73
N LYS B 109 -28.98 10.54 29.14
CA LYS B 109 -28.19 9.95 28.05
C LYS B 109 -28.33 10.77 26.77
N ASP B 110 -27.22 10.89 26.00
CA ASP B 110 -27.16 11.64 24.73
C ASP B 110 -27.78 10.83 23.58
N PHE B 111 -27.84 9.49 23.73
CA PHE B 111 -28.44 8.55 22.78
C PHE B 111 -29.97 8.52 22.98
N ARG B 112 -30.42 8.44 24.26
CA ARG B 112 -31.83 8.43 24.66
C ARG B 112 -32.52 9.79 24.42
N HIS B 113 -31.72 10.89 24.36
CA HIS B 113 -32.18 12.26 24.11
C HIS B 113 -32.50 12.48 22.62
N GLY B 114 -31.71 11.87 21.74
CA GLY B 114 -31.86 11.95 20.29
C GLY B 114 -33.21 11.44 19.82
N PHE B 115 -33.71 10.35 20.44
CA PHE B 115 -35.00 9.75 20.13
C PHE B 115 -36.15 10.63 20.63
N ASP B 116 -35.92 11.40 21.73
CA ASP B 116 -36.90 12.34 22.28
C ASP B 116 -37.10 13.50 21.29
N ILE B 117 -36.01 13.94 20.63
CA ILE B 117 -36.04 14.98 19.60
C ILE B 117 -36.77 14.42 18.38
N LEU B 118 -36.43 13.16 18.00
CA LEU B 118 -37.00 12.42 16.88
C LEU B 118 -38.51 12.24 17.02
N VAL B 119 -38.99 11.68 18.16
CA VAL B 119 -40.44 11.47 18.43
C VAL B 119 -41.17 12.81 18.35
N GLY B 120 -40.55 13.86 18.91
CA GLY B 120 -41.08 15.21 18.89
C GLY B 120 -41.36 15.71 17.49
N GLN B 121 -40.40 15.49 16.58
CA GLN B 121 -40.51 15.87 15.18
C GLN B 121 -41.51 15.00 14.44
N ILE B 122 -41.61 13.69 14.81
CA ILE B 122 -42.57 12.73 14.24
C ILE B 122 -43.98 13.23 14.58
N ASP B 123 -44.19 13.67 15.84
CA ASP B 123 -45.45 14.22 16.34
C ASP B 123 -45.87 15.46 15.54
N ASP B 124 -44.89 16.31 15.16
CA ASP B 124 -45.12 17.51 14.36
C ASP B 124 -45.42 17.15 12.90
N ALA B 125 -44.77 16.08 12.40
CA ALA B 125 -44.97 15.59 11.04
C ALA B 125 -46.33 14.88 10.90
N LEU B 126 -46.82 14.26 12.00
CA LEU B 126 -48.10 13.56 12.06
C LEU B 126 -49.28 14.52 11.96
N LYS B 127 -49.19 15.72 12.60
CA LYS B 127 -50.25 16.73 12.60
C LYS B 127 -50.50 17.26 11.17
N LEU B 128 -49.43 17.41 10.36
CA LEU B 128 -49.51 17.85 8.97
C LEU B 128 -50.10 16.75 8.09
N ALA B 140 -41.97 18.74 8.21
CA ALA B 140 -41.30 18.38 6.96
C ALA B 140 -40.56 17.06 7.11
N ALA B 141 -40.75 16.15 6.14
CA ALA B 141 -40.10 14.83 6.11
C ALA B 141 -38.65 14.97 5.62
N GLU B 142 -37.86 15.78 6.34
CA GLU B 142 -36.47 16.13 6.08
C GLU B 142 -35.77 16.48 7.39
N GLN B 143 -36.54 17.07 8.35
CA GLN B 143 -36.11 17.46 9.69
C GLN B 143 -35.91 16.24 10.60
N LEU B 144 -36.36 15.05 10.13
CA LEU B 144 -36.25 13.75 10.80
C LEU B 144 -35.02 13.00 10.32
N LYS B 145 -34.69 13.11 9.01
CA LYS B 145 -33.53 12.47 8.38
C LYS B 145 -32.21 13.04 8.91
N THR B 146 -32.22 14.34 9.27
CA THR B 146 -31.05 15.06 9.79
C THR B 146 -30.83 14.74 11.28
N THR B 147 -31.93 14.59 12.05
CA THR B 147 -31.94 14.34 13.50
C THR B 147 -31.36 12.95 13.82
N ARG B 148 -31.70 11.90 13.04
CA ARG B 148 -31.19 10.55 13.27
C ARG B 148 -29.68 10.48 13.04
N ASN B 149 -29.15 11.38 12.17
CA ASN B 149 -27.73 11.51 11.88
C ASN B 149 -27.04 12.22 13.08
N ALA B 150 -27.78 13.13 13.76
CA ALA B 150 -27.32 13.88 14.95
C ALA B 150 -27.33 13.00 16.20
C SER B 160 -18.72 2.65 8.19
N SER B 161 -19.06 2.37 9.49
CA SER B 161 -18.14 2.36 10.62
C SER B 161 -17.13 1.21 10.46
N LEU B 162 -17.56 0.06 9.87
CA LEU B 162 -16.67 -1.06 9.62
C LEU B 162 -15.82 -0.77 8.40
N ALA B 163 -16.43 -0.15 7.38
CA ALA B 163 -15.79 0.24 6.13
C ALA B 163 -14.64 1.20 6.39
N LEU B 164 -14.84 2.12 7.34
CA LEU B 164 -13.86 3.14 7.74
C LEU B 164 -12.72 2.50 8.52
N ALA B 165 -13.05 1.64 9.52
CA ALA B 165 -12.04 0.95 10.34
C ALA B 165 -11.09 0.15 9.47
N ILE B 166 -11.58 -0.47 8.37
CA ILE B 166 -10.76 -1.24 7.42
C ILE B 166 -9.81 -0.28 6.65
N ALA B 167 -10.35 0.86 6.16
CA ALA B 167 -9.60 1.87 5.41
C ALA B 167 -8.45 2.44 6.24
N ILE B 168 -8.68 2.65 7.54
CA ILE B 168 -7.68 3.17 8.46
C ILE B 168 -6.61 2.09 8.71
N THR B 169 -7.05 0.84 9.00
CA THR B 169 -6.17 -0.33 9.22
C THR B 169 -5.30 -0.55 8.00
N ALA B 170 -5.85 -0.30 6.81
CA ALA B 170 -5.16 -0.41 5.54
C ALA B 170 -4.09 0.66 5.41
N LEU B 171 -4.44 1.92 5.76
CA LEU B 171 -3.51 3.03 5.66
C LEU B 171 -2.33 2.81 6.59
N TYR B 172 -2.59 2.52 7.88
CA TYR B 172 -1.58 2.29 8.91
C TYR B 172 -0.72 1.05 8.64
N SER B 173 -1.29 -0.02 8.06
CA SER B 173 -0.51 -1.22 7.78
C SER B 173 0.46 -0.96 6.58
N ALA B 174 -0.03 -0.26 5.53
CA ALA B 174 0.75 0.09 4.35
C ALA B 174 1.83 1.10 4.72
N VAL B 175 1.51 2.06 5.62
CA VAL B 175 2.49 3.05 6.09
C VAL B 175 3.52 2.34 6.96
N CYS B 176 3.10 1.33 7.75
CA CYS B 176 4.02 0.56 8.59
C CYS B 176 4.97 -0.29 7.74
N ALA B 177 4.45 -1.17 6.90
CA ALA B 177 5.28 -2.05 6.07
C ALA B 177 6.18 -1.29 5.08
N VAL B 178 5.70 -0.17 4.50
CA VAL B 178 6.54 0.60 3.58
C VAL B 178 7.64 1.32 4.41
N GLY B 179 7.23 1.96 5.50
CA GLY B 179 8.14 2.66 6.39
C GLY B 179 9.17 1.76 7.04
N LEU B 180 8.72 0.86 7.93
CA LEU B 180 9.52 -0.11 8.70
C LEU B 180 10.50 -0.92 7.84
N LEU B 181 10.01 -1.58 6.79
CA LEU B 181 10.86 -2.37 5.90
C LEU B 181 11.78 -1.48 5.05
N GLY B 182 11.25 -0.37 4.53
CA GLY B 182 11.98 0.58 3.70
C GLY B 182 13.18 1.21 4.40
N ASN B 183 13.01 1.66 5.66
CA ASN B 183 14.06 2.26 6.49
C ASN B 183 15.11 1.25 6.90
N VAL B 184 14.70 0.00 7.24
CA VAL B 184 15.62 -1.09 7.63
C VAL B 184 16.56 -1.42 6.42
N LEU B 185 15.96 -1.49 5.22
CA LEU B 185 16.64 -1.71 3.95
C LEU B 185 17.65 -0.61 3.69
N VAL B 186 17.27 0.68 3.97
CA VAL B 186 18.12 1.86 3.80
C VAL B 186 19.32 1.74 4.75
N MET B 187 19.05 1.40 6.03
CA MET B 187 20.07 1.22 7.06
C MET B 187 21.04 0.09 6.69
N PHE B 188 20.53 -1.04 6.16
CA PHE B 188 21.33 -2.19 5.74
C PHE B 188 22.31 -1.82 4.60
N VAL B 189 21.84 -1.14 3.52
CA VAL B 189 22.62 -0.69 2.35
C VAL B 189 23.75 0.22 2.81
N ILE B 190 23.44 1.12 3.75
CA ILE B 190 24.37 2.08 4.35
C ILE B 190 25.51 1.33 5.08
N VAL B 191 25.22 0.14 5.64
CA VAL B 191 26.17 -0.67 6.38
C VAL B 191 26.94 -1.61 5.43
N ARG B 192 26.22 -2.47 4.69
CA ARG B 192 26.75 -3.50 3.78
C ARG B 192 27.37 -2.93 2.49
N TYR B 193 26.88 -1.81 1.94
CA TYR B 193 27.41 -1.30 0.66
C TYR B 193 28.10 0.09 0.71
N THR B 194 27.35 1.23 0.88
CA THR B 194 27.88 2.62 0.89
C THR B 194 28.91 2.87 2.02
N LYS B 195 28.81 2.11 3.12
CA LYS B 195 29.70 2.03 4.30
C LYS B 195 29.85 3.36 5.13
N MET B 196 29.01 4.41 4.89
CA MET B 196 28.96 5.70 5.64
C MET B 196 30.30 6.48 5.69
N LYS B 197 31.05 6.51 4.59
CA LYS B 197 32.31 7.24 4.47
C LYS B 197 32.03 8.75 4.40
N THR B 198 30.87 9.12 3.82
CA THR B 198 30.41 10.50 3.64
C THR B 198 29.57 10.96 4.83
N ALA B 199 29.47 12.28 4.98
CA ALA B 199 28.67 12.94 5.99
C ALA B 199 27.16 12.71 5.71
N THR B 200 26.71 12.84 4.44
CA THR B 200 25.30 12.67 4.05
C THR B 200 24.78 11.25 4.35
N ASN B 201 25.63 10.22 4.18
CA ASN B 201 25.25 8.82 4.44
C ASN B 201 24.96 8.60 5.95
N ILE B 202 25.70 9.28 6.84
CA ILE B 202 25.54 9.25 8.31
C ILE B 202 24.19 9.91 8.66
N TYR B 203 23.86 11.06 7.99
CA TYR B 203 22.61 11.79 8.16
C TYR B 203 21.42 10.94 7.71
N ILE B 204 21.58 10.18 6.60
CA ILE B 204 20.54 9.29 6.08
C ILE B 204 20.35 8.12 7.06
N PHE B 205 21.45 7.57 7.64
CA PHE B 205 21.35 6.47 8.62
C PHE B 205 20.52 6.91 9.83
N SER B 206 20.82 8.13 10.34
CA SER B 206 20.16 8.75 11.48
C SER B 206 18.67 8.91 11.19
N LEU B 207 18.34 9.45 10.00
CA LEU B 207 16.97 9.66 9.54
C LEU B 207 16.20 8.34 9.48
N ALA B 208 16.80 7.32 8.83
CA ALA B 208 16.24 5.97 8.65
C ALA B 208 16.09 5.24 10.00
N LEU B 209 16.99 5.50 10.97
CA LEU B 209 16.88 4.89 12.29
C LEU B 209 15.65 5.45 13.00
N ALA B 210 15.48 6.81 12.93
CA ALA B 210 14.35 7.55 13.51
C ALA B 210 13.04 7.17 12.85
N GLY B 211 13.06 6.95 11.54
CA GLY B 211 11.90 6.56 10.75
C GLY B 211 11.39 5.16 11.08
N ALA B 212 12.33 4.20 11.28
CA ALA B 212 12.04 2.80 11.61
C ALA B 212 11.43 2.67 13.04
N LEU B 213 11.89 3.52 13.97
CA LEU B 213 11.37 3.55 15.35
C LEU B 213 9.97 4.13 15.36
N ALA B 214 9.74 5.15 14.52
CA ALA B 214 8.47 5.84 14.37
C ALA B 214 7.37 4.87 13.95
N THR B 215 7.62 4.10 12.88
CA THR B 215 6.67 3.12 12.34
C THR B 215 6.50 1.88 13.26
N SER B 216 7.50 1.57 14.11
CA SER B 216 7.45 0.43 15.02
C SER B 216 6.38 0.60 16.12
N THR B 217 5.81 1.81 16.25
CA THR B 217 4.75 2.12 17.22
C THR B 217 3.36 1.87 16.60
N LEU B 218 3.24 2.02 15.24
CA LEU B 218 2.01 1.85 14.48
C LEU B 218 1.23 0.59 14.85
N PRO B 219 1.81 -0.65 14.89
CA PRO B 219 1.01 -1.82 15.31
C PRO B 219 0.22 -1.65 16.62
N PHE B 220 0.79 -0.96 17.64
CA PHE B 220 0.15 -0.73 18.94
C PHE B 220 -0.93 0.35 18.86
N GLN B 221 -0.64 1.44 18.12
CA GLN B 221 -1.57 2.54 17.94
C GLN B 221 -2.76 2.12 17.02
N SER B 222 -2.51 1.16 16.09
CA SER B 222 -3.51 0.60 15.17
C SER B 222 -4.43 -0.34 15.91
N ALA B 223 -3.90 -1.01 16.95
CA ALA B 223 -4.63 -1.92 17.82
C ALA B 223 -5.57 -1.14 18.72
N ASP B 224 -5.05 -0.05 19.33
CA ASP B 224 -5.81 0.84 20.23
C ASP B 224 -7.00 1.47 19.49
N TYR B 225 -6.85 1.79 18.18
CA TYR B 225 -7.95 2.36 17.42
C TYR B 225 -9.09 1.34 17.26
N LEU B 226 -8.72 0.09 16.93
CA LEU B 226 -9.66 -1.01 16.68
C LEU B 226 -10.40 -1.45 17.93
N MET B 227 -9.69 -1.66 19.07
CA MET B 227 -10.34 -2.12 20.29
C MET B 227 -10.73 -0.97 21.27
N GLU B 228 -10.38 0.30 20.92
CA GLU B 228 -10.67 1.55 21.67
C GLU B 228 -9.99 1.63 23.06
N THR B 229 -9.48 0.48 23.57
CA THR B 229 -8.83 0.28 24.88
C THR B 229 -7.32 -0.04 24.69
N TRP B 230 -6.49 0.26 25.72
CA TRP B 230 -5.05 0.00 25.72
C TRP B 230 -4.75 -1.29 26.54
N PRO B 231 -4.58 -2.44 25.85
CA PRO B 231 -4.34 -3.70 26.59
C PRO B 231 -2.89 -3.99 26.99
N PHE B 232 -1.93 -3.36 26.33
CA PHE B 232 -0.49 -3.57 26.47
C PHE B 232 0.10 -3.14 27.83
N GLY B 233 -0.64 -2.35 28.60
CA GLY B 233 -0.22 -1.90 29.93
C GLY B 233 0.68 -0.68 29.96
N GLU B 234 0.93 -0.14 31.18
CA GLU B 234 1.74 1.05 31.47
C GLU B 234 3.18 0.96 30.98
N LEU B 235 3.84 -0.19 31.16
CA LEU B 235 5.23 -0.42 30.74
C LEU B 235 5.38 -0.26 29.22
N LEU B 236 4.40 -0.77 28.43
CA LEU B 236 4.37 -0.63 26.96
C LEU B 236 3.71 0.68 26.53
N CYS B 237 3.06 1.39 27.47
CA CYS B 237 2.42 2.69 27.27
C CYS B 237 3.51 3.73 27.32
N LYS B 238 4.41 3.60 28.31
CA LYS B 238 5.56 4.46 28.51
C LYS B 238 6.57 4.25 27.39
N ALA B 239 6.74 2.99 26.95
CA ALA B 239 7.66 2.64 25.87
C ALA B 239 7.16 3.19 24.53
N VAL B 240 5.85 3.08 24.22
CA VAL B 240 5.28 3.56 22.95
C VAL B 240 5.17 5.09 22.90
N LEU B 241 4.58 5.72 23.94
CA LEU B 241 4.43 7.18 23.96
C LEU B 241 5.77 7.90 23.86
N SER B 242 6.84 7.40 24.53
CA SER B 242 8.17 8.02 24.49
C SER B 242 8.81 7.91 23.09
N ILE B 243 8.86 6.69 22.50
CA ILE B 243 9.42 6.42 21.18
C ILE B 243 8.71 7.28 20.12
N ASP B 244 7.36 7.41 20.19
CA ASP B 244 6.56 8.20 19.26
C ASP B 244 7.03 9.69 19.22
N TYR B 245 7.17 10.32 20.38
CA TYR B 245 7.61 11.70 20.52
C TYR B 245 9.10 11.88 20.24
N TYR B 246 9.95 11.01 20.82
CA TYR B 246 11.41 11.04 20.69
C TYR B 246 11.83 10.90 19.23
N SER B 247 11.26 9.89 18.52
CA SER B 247 11.52 9.63 17.09
C SER B 247 10.89 10.73 16.23
N MET B 248 9.98 11.56 16.80
CA MET B 248 9.41 12.68 16.05
C MET B 248 10.43 13.78 16.01
N PHE B 249 11.04 14.07 17.17
CA PHE B 249 12.04 15.12 17.29
C PHE B 249 13.35 14.73 16.61
N THR B 250 13.88 13.50 16.86
CA THR B 250 15.14 13.07 16.21
C THR B 250 15.00 13.05 14.68
N SER B 251 13.81 12.69 14.15
CA SER B 251 13.56 12.63 12.70
C SER B 251 13.51 14.01 12.09
N ILE B 252 12.86 14.96 12.79
CA ILE B 252 12.71 16.32 12.29
C ILE B 252 14.07 17.03 12.35
N PHE B 253 14.77 16.97 13.49
CA PHE B 253 16.04 17.66 13.67
C PHE B 253 17.16 17.08 12.84
N THR B 254 17.12 15.76 12.53
CA THR B 254 18.13 15.11 11.67
C THR B 254 17.95 15.65 10.26
N LEU B 255 16.67 15.75 9.83
CA LEU B 255 16.22 16.24 8.54
C LEU B 255 16.60 17.70 8.38
N THR B 256 16.35 18.56 9.41
CA THR B 256 16.66 20.00 9.40
C THR B 256 18.17 20.22 9.29
N MET B 257 18.97 19.47 10.09
CA MET B 257 20.44 19.55 10.12
C MET B 257 21.02 19.11 8.79
N MET B 258 20.40 18.11 8.14
CA MET B 258 20.80 17.62 6.82
C MET B 258 20.67 18.73 5.79
N CYS B 259 19.64 19.59 5.93
CA CYS B 259 19.39 20.74 5.06
C CYS B 259 20.42 21.84 5.33
N VAL B 260 20.87 21.96 6.58
CA VAL B 260 21.89 22.90 7.00
C VAL B 260 23.24 22.44 6.41
N ASP B 261 23.48 21.10 6.43
CA ASP B 261 24.68 20.46 5.88
C ASP B 261 24.79 20.73 4.39
N ARG B 262 23.64 20.59 3.67
CA ARG B 262 23.54 20.82 2.23
C ARG B 262 23.67 22.33 1.91
N TYR B 263 23.38 23.21 2.87
CA TYR B 263 23.55 24.65 2.70
C TYR B 263 25.03 25.01 2.74
N ILE B 264 25.77 24.44 3.73
CA ILE B 264 27.21 24.64 3.95
C ILE B 264 27.94 24.07 2.73
N ALA B 265 27.52 22.89 2.25
CA ALA B 265 28.08 22.23 1.08
C ALA B 265 28.03 23.15 -0.16
N VAL B 266 26.83 23.73 -0.43
CA VAL B 266 26.57 24.59 -1.57
C VAL B 266 27.19 25.99 -1.38
N CYS B 267 26.72 26.76 -0.39
CA CYS B 267 27.09 28.15 -0.14
C CYS B 267 28.51 28.36 0.35
N HIS B 268 29.03 27.50 1.23
CA HIS B 268 30.39 27.69 1.74
C HIS B 268 31.25 26.46 1.41
N PRO B 269 31.61 26.23 0.13
CA PRO B 269 32.36 25.00 -0.19
C PRO B 269 33.79 24.99 0.32
N VAL B 270 34.40 26.18 0.52
CA VAL B 270 35.77 26.33 1.02
C VAL B 270 35.80 25.95 2.52
N LYS B 271 34.76 26.36 3.27
CA LYS B 271 34.60 26.09 4.70
C LYS B 271 34.07 24.66 4.92
N ALA B 272 33.19 24.16 4.00
CA ALA B 272 32.56 22.83 4.03
C ALA B 272 33.57 21.70 4.02
N LEU B 273 34.77 21.96 3.48
CA LEU B 273 35.89 21.02 3.38
C LEU B 273 36.37 20.54 4.75
N ASP B 274 36.10 21.32 5.80
CA ASP B 274 36.53 21.02 7.17
C ASP B 274 35.33 20.70 8.07
N PHE B 275 34.12 21.18 7.72
CA PHE B 275 32.94 20.91 8.51
C PHE B 275 32.29 19.57 8.14
N ARG B 276 32.08 19.30 6.85
CA ARG B 276 31.37 18.11 6.38
C ARG B 276 32.20 16.79 6.49
N THR B 277 32.95 16.65 7.59
CA THR B 277 33.77 15.49 7.95
C THR B 277 32.86 14.38 8.49
N PRO B 278 33.05 13.08 8.11
CA PRO B 278 32.19 12.01 8.66
C PRO B 278 32.28 11.89 10.18
N ALA B 279 33.41 12.31 10.76
CA ALA B 279 33.62 12.33 12.21
C ALA B 279 32.78 13.45 12.84
N LYS B 280 32.69 14.61 12.14
CA LYS B 280 31.89 15.75 12.58
C LYS B 280 30.39 15.45 12.45
N ALA B 281 29.97 14.81 11.34
CA ALA B 281 28.58 14.40 11.08
C ALA B 281 28.10 13.42 12.15
N LYS B 282 28.99 12.52 12.64
CA LYS B 282 28.70 11.55 13.70
C LYS B 282 28.38 12.30 14.99
N LEU B 283 29.20 13.32 15.35
CA LEU B 283 28.99 14.13 16.56
C LEU B 283 27.59 14.77 16.56
N ILE B 284 27.26 15.56 15.51
CA ILE B 284 25.98 16.26 15.30
C ILE B 284 24.79 15.31 15.50
N ASN B 285 24.83 14.13 14.83
CA ASN B 285 23.75 13.14 14.93
C ASN B 285 23.66 12.52 16.34
N ILE B 286 24.79 12.34 17.05
CA ILE B 286 24.81 11.82 18.42
C ILE B 286 24.17 12.87 19.35
N CYS B 287 24.47 14.15 19.12
CA CYS B 287 23.92 15.28 19.87
C CYS B 287 22.41 15.39 19.67
N ILE B 288 21.91 15.09 18.43
CA ILE B 288 20.48 15.10 18.09
C ILE B 288 19.75 14.03 18.92
N TRP B 289 20.30 12.80 18.95
CA TRP B 289 19.72 11.67 19.68
C TRP B 289 19.92 11.84 21.20
N VAL B 290 20.96 12.56 21.63
CA VAL B 290 21.15 12.82 23.05
C VAL B 290 20.19 13.93 23.48
N LEU B 291 20.15 15.04 22.74
CA LEU B 291 19.31 16.21 23.00
C LEU B 291 17.83 15.88 23.06
N ALA B 292 17.27 15.19 22.05
CA ALA B 292 15.85 14.84 22.01
C ALA B 292 15.39 13.95 23.21
N SER B 293 16.34 13.48 24.08
CA SER B 293 15.97 12.70 25.27
C SER B 293 15.44 13.68 26.37
N GLY B 294 15.39 14.96 26.03
CA GLY B 294 14.82 16.03 26.83
C GLY B 294 13.33 16.15 26.55
N VAL B 295 12.85 15.33 25.60
CA VAL B 295 11.45 15.16 25.18
C VAL B 295 11.08 13.70 25.49
N GLY B 296 12.02 12.79 25.24
CA GLY B 296 11.89 11.35 25.48
C GLY B 296 11.68 11.01 26.95
N VAL B 297 12.63 11.44 27.82
CA VAL B 297 12.54 11.20 29.28
C VAL B 297 11.25 11.86 29.86
N PRO B 298 10.98 13.18 29.68
CA PRO B 298 9.75 13.77 30.24
C PRO B 298 8.44 13.07 29.84
N ILE B 299 8.30 12.63 28.57
CA ILE B 299 7.09 11.94 28.07
C ILE B 299 7.01 10.55 28.72
N MET B 300 8.16 9.86 28.81
CA MET B 300 8.28 8.54 29.41
C MET B 300 7.98 8.60 30.90
N VAL B 301 8.23 9.76 31.50
CA VAL B 301 7.99 10.05 32.90
C VAL B 301 6.47 10.15 33.17
N MET B 302 5.74 10.95 32.35
CA MET B 302 4.32 11.17 32.57
C MET B 302 3.38 10.28 31.74
N ALA B 303 3.91 9.33 30.97
CA ALA B 303 3.06 8.41 30.21
C ALA B 303 2.39 7.43 31.17
N VAL B 304 1.05 7.42 31.26
CA VAL B 304 0.34 6.53 32.20
C VAL B 304 -0.91 5.90 31.58
N THR B 305 -1.27 4.70 32.09
CA THR B 305 -2.50 3.98 31.75
C THR B 305 -3.50 4.18 32.86
N ARG B 306 -4.67 4.74 32.53
CA ARG B 306 -5.67 4.92 33.57
C ARG B 306 -7.07 4.64 33.03
N PRO B 307 -7.99 4.19 33.90
CA PRO B 307 -9.33 3.89 33.40
C PRO B 307 -10.14 5.16 33.19
N ARG B 308 -10.46 5.43 31.92
CA ARG B 308 -11.24 6.59 31.48
C ARG B 308 -12.31 6.14 30.50
N ASP B 309 -13.59 6.37 30.86
CA ASP B 309 -14.83 6.04 30.13
C ASP B 309 -15.09 4.50 30.13
N GLY B 310 -14.85 3.85 31.28
CA GLY B 310 -14.99 2.40 31.45
C GLY B 310 -13.90 1.52 30.82
N ALA B 311 -13.15 2.08 29.85
CA ALA B 311 -12.06 1.44 29.11
C ALA B 311 -10.70 1.81 29.74
N VAL B 312 -9.56 1.43 29.10
CA VAL B 312 -8.18 1.75 29.54
C VAL B 312 -7.57 2.73 28.52
N VAL B 313 -6.95 3.83 29.01
CA VAL B 313 -6.32 4.84 28.14
C VAL B 313 -4.83 4.97 28.45
N CYS B 314 -4.04 5.26 27.41
CA CYS B 314 -2.61 5.50 27.48
C CYS B 314 -2.40 6.98 27.13
N MET B 315 -2.16 7.78 28.15
CA MET B 315 -2.10 9.23 28.05
C MET B 315 -0.93 9.83 28.81
N LEU B 316 -0.85 11.18 28.85
CA LEU B 316 0.19 11.94 29.53
C LEU B 316 -0.39 12.65 30.75
N GLN B 317 0.13 12.32 31.93
CA GLN B 317 -0.30 12.92 33.18
C GLN B 317 0.56 14.14 33.45
N PHE B 318 0.12 15.30 32.93
CA PHE B 318 0.80 16.57 33.12
C PHE B 318 0.68 17.05 34.58
N PRO B 319 1.71 17.72 35.13
CA PRO B 319 1.63 18.19 36.53
C PRO B 319 0.55 19.25 36.73
N SER B 320 0.12 19.46 37.97
CA SER B 320 -0.90 20.46 38.26
C SER B 320 -0.35 21.88 37.96
N PRO B 321 -1.02 22.72 37.13
CA PRO B 321 -2.32 22.51 36.46
C PRO B 321 -2.14 21.86 35.09
N SER B 322 -2.69 20.64 34.97
CA SER B 322 -2.62 19.78 33.79
C SER B 322 -2.88 20.55 32.49
N TRP B 323 -4.02 21.29 32.42
CA TRP B 323 -4.48 22.08 31.28
C TRP B 323 -3.45 23.10 30.80
N TYR B 324 -2.59 23.57 31.71
CA TYR B 324 -1.53 24.55 31.48
C TYR B 324 -0.38 23.88 30.76
N TRP B 325 0.21 22.89 31.42
CA TRP B 325 1.36 22.14 30.94
C TRP B 325 1.01 21.38 29.67
N ASP B 326 -0.31 21.12 29.43
CA ASP B 326 -0.77 20.51 28.19
C ASP B 326 -0.58 21.52 27.07
N THR B 327 -1.11 22.74 27.28
CA THR B 327 -1.04 23.90 26.38
C THR B 327 0.45 24.27 26.10
N VAL B 328 1.30 24.34 27.16
CA VAL B 328 2.74 24.64 27.06
C VAL B 328 3.38 23.69 26.03
N THR B 329 3.29 22.36 26.29
CA THR B 329 3.80 21.28 25.46
C THR B 329 3.32 21.44 24.01
N LYS B 330 2.01 21.72 23.83
CA LYS B 330 1.38 21.91 22.51
C LYS B 330 2.02 23.12 21.77
N ILE B 331 2.16 24.29 22.47
CA ILE B 331 2.76 25.50 21.91
C ILE B 331 4.26 25.30 21.66
N CYS B 332 4.86 24.32 22.35
CA CYS B 332 6.28 24.03 22.18
C CYS B 332 6.54 23.10 21.04
N VAL B 333 5.80 21.98 20.94
CA VAL B 333 5.99 21.02 19.84
C VAL B 333 5.56 21.67 18.50
N PHE B 334 4.66 22.69 18.55
CA PHE B 334 4.23 23.40 17.34
C PHE B 334 5.32 24.32 16.83
N LEU B 335 5.92 25.07 17.76
CA LEU B 335 6.98 26.00 17.47
C LEU B 335 8.26 25.26 17.12
N PHE B 336 8.86 24.56 18.09
CA PHE B 336 10.15 23.87 17.96
C PHE B 336 10.15 22.64 17.04
N ALA B 337 8.99 21.99 16.79
CA ALA B 337 9.00 20.84 15.89
C ALA B 337 8.30 21.13 14.53
N PHE B 338 7.82 22.37 14.30
CA PHE B 338 7.20 22.73 13.02
C PHE B 338 7.66 24.09 12.52
N VAL B 339 7.35 25.16 13.26
CA VAL B 339 7.71 26.52 12.86
C VAL B 339 9.24 26.67 12.72
N VAL B 340 10.01 26.31 13.78
CA VAL B 340 11.49 26.42 13.79
C VAL B 340 12.10 25.56 12.66
N PRO B 341 11.84 24.21 12.54
CA PRO B 341 12.45 23.45 11.44
C PRO B 341 12.13 24.00 10.06
N ILE B 342 10.91 24.56 9.83
CA ILE B 342 10.53 25.13 8.51
C ILE B 342 11.35 26.38 8.23
N LEU B 343 11.44 27.32 9.19
CA LEU B 343 12.19 28.55 9.00
C LEU B 343 13.66 28.28 8.65
N ILE B 344 14.32 27.33 9.35
CA ILE B 344 15.71 26.97 9.11
C ILE B 344 15.90 26.45 7.65
N ILE B 345 15.09 25.46 7.24
CA ILE B 345 15.13 24.82 5.93
C ILE B 345 14.78 25.86 4.81
N THR B 346 13.78 26.74 5.05
CA THR B 346 13.34 27.80 4.11
C THR B 346 14.49 28.79 3.92
N VAL B 347 15.11 29.23 5.05
CA VAL B 347 16.25 30.15 5.04
C VAL B 347 17.41 29.51 4.24
N CYS B 348 17.72 28.22 4.52
CA CYS B 348 18.76 27.48 3.81
C CYS B 348 18.52 27.55 2.31
N TYR B 349 17.28 27.22 1.86
CA TYR B 349 16.84 27.24 0.47
C TYR B 349 17.02 28.62 -0.16
N GLY B 350 16.53 29.65 0.53
CA GLY B 350 16.58 31.05 0.10
C GLY B 350 18.00 31.54 -0.14
N LEU B 351 18.91 31.18 0.78
CA LEU B 351 20.32 31.54 0.71
C LEU B 351 21.02 30.70 -0.35
N MET B 352 20.66 29.41 -0.48
CA MET B 352 21.24 28.51 -1.49
C MET B 352 20.85 28.99 -2.89
N LEU B 353 19.63 29.50 -3.02
CA LEU B 353 19.03 30.05 -4.24
C LEU B 353 19.85 31.25 -4.76
N LEU B 354 20.39 32.09 -3.83
CA LEU B 354 21.21 33.26 -4.14
C LEU B 354 22.57 32.86 -4.66
N ARG B 355 23.24 31.90 -3.95
CA ARG B 355 24.57 31.37 -4.29
C ARG B 355 24.51 30.72 -5.67
N LEU B 356 23.37 30.12 -6.01
CA LEU B 356 23.12 29.51 -7.31
C LEU B 356 23.02 30.56 -8.40
N ARG B 357 22.51 31.76 -8.07
CA ARG B 357 22.38 32.88 -9.01
C ARG B 357 23.74 33.58 -9.18
N SER B 358 24.65 33.42 -8.20
CA SER B 358 26.02 33.94 -8.24
C SER B 358 26.90 33.05 -9.15
N VAL B 359 26.81 31.71 -8.95
CA VAL B 359 27.52 30.62 -9.65
C VAL B 359 27.14 30.60 -11.17
N ARG B 360 25.87 30.92 -11.50
CA ARG B 360 25.33 30.95 -12.86
C ARG B 360 26.01 32.01 -13.75
N LEU B 361 26.70 33.00 -13.16
CA LEU B 361 27.38 34.06 -13.93
C LEU B 361 28.90 34.13 -13.65
N LEU B 362 29.31 34.10 -12.37
CA LEU B 362 30.73 34.18 -11.97
C LEU B 362 31.54 32.95 -12.38
N SER B 363 31.05 31.72 -12.10
CA SER B 363 31.74 30.48 -12.46
C SER B 363 31.70 30.23 -13.96
N GLY B 364 30.53 30.47 -14.57
CA GLY B 364 30.32 30.29 -16.00
C GLY B 364 29.81 28.92 -16.38
N SER B 365 30.15 28.49 -17.61
CA SER B 365 29.74 27.21 -18.22
C SER B 365 30.35 25.99 -17.50
N LYS B 366 29.50 25.17 -16.82
CA LYS B 366 29.90 23.95 -16.11
C LYS B 366 28.74 22.98 -15.84
N GLU B 367 29.07 21.68 -15.75
CA GLU B 367 28.18 20.55 -15.46
C GLU B 367 28.10 20.40 -13.94
N LYS B 368 29.18 20.79 -13.22
CA LYS B 368 29.28 20.74 -11.76
C LYS B 368 28.57 21.94 -11.10
N ASP B 369 27.98 22.86 -11.93
CA ASP B 369 27.21 24.04 -11.52
C ASP B 369 25.72 23.70 -11.51
N ARG B 370 25.25 22.96 -12.55
CA ARG B 370 23.91 22.40 -12.68
C ARG B 370 23.70 21.31 -11.60
N SER B 371 24.83 20.76 -11.09
CA SER B 371 24.94 19.77 -10.02
C SER B 371 24.48 20.35 -8.69
N LEU B 372 24.77 21.64 -8.43
CA LEU B 372 24.38 22.32 -7.20
C LEU B 372 22.92 22.78 -7.27
N ARG B 373 22.38 22.95 -8.50
CA ARG B 373 20.99 23.35 -8.73
C ARG B 373 20.02 22.23 -8.36
N ARG B 374 20.52 20.99 -8.39
CA ARG B 374 19.82 19.75 -8.05
C ARG B 374 19.57 19.69 -6.54
N ILE B 375 20.59 20.06 -5.74
CA ILE B 375 20.58 20.08 -4.28
C ILE B 375 19.62 21.17 -3.80
N THR B 376 19.57 22.31 -4.50
CA THR B 376 18.70 23.44 -4.16
C THR B 376 17.24 23.09 -4.51
N ARG B 377 17.00 22.26 -5.55
CA ARG B 377 15.62 21.86 -5.88
C ARG B 377 15.14 20.80 -4.90
N MET B 378 16.10 20.00 -4.37
CA MET B 378 15.90 18.92 -3.40
C MET B 378 15.46 19.46 -2.04
N VAL B 379 15.96 20.64 -1.63
CA VAL B 379 15.64 21.23 -0.34
C VAL B 379 14.21 21.82 -0.41
N LEU B 380 13.75 22.26 -1.61
CA LEU B 380 12.39 22.76 -1.80
C LEU B 380 11.42 21.61 -1.72
N VAL B 381 11.78 20.44 -2.31
CA VAL B 381 10.97 19.23 -2.26
C VAL B 381 10.73 18.88 -0.78
N VAL B 382 11.83 18.80 0.01
CA VAL B 382 11.88 18.47 1.43
C VAL B 382 10.94 19.37 2.26
N VAL B 383 11.00 20.72 2.07
CA VAL B 383 10.20 21.69 2.83
C VAL B 383 8.70 21.66 2.43
N VAL B 384 8.39 21.46 1.13
CA VAL B 384 7.00 21.40 0.67
C VAL B 384 6.36 20.10 1.20
N ALA B 385 7.14 18.98 1.15
CA ALA B 385 6.73 17.68 1.68
C ALA B 385 6.53 17.77 3.18
N PHE B 386 7.49 18.43 3.88
CA PHE B 386 7.42 18.62 5.33
C PHE B 386 6.14 19.34 5.72
N VAL B 387 5.80 20.46 5.04
CA VAL B 387 4.61 21.26 5.36
C VAL B 387 3.32 20.50 5.07
N VAL B 388 3.18 19.94 3.84
CA VAL B 388 1.98 19.22 3.41
C VAL B 388 1.67 18.03 4.36
N CYS B 389 2.72 17.39 4.94
CA CYS B 389 2.58 16.24 5.83
C CYS B 389 2.39 16.61 7.28
N TRP B 390 2.98 17.72 7.71
CA TRP B 390 2.94 18.06 9.11
C TRP B 390 1.89 19.11 9.49
N ALA B 391 1.60 20.12 8.61
CA ALA B 391 0.59 21.14 8.90
C ALA B 391 -0.79 20.51 9.27
N PRO B 392 -1.34 19.51 8.51
CA PRO B 392 -2.63 18.90 8.89
C PRO B 392 -2.78 18.48 10.36
N ILE B 393 -1.84 17.65 10.89
CA ILE B 393 -1.91 17.20 12.28
C ILE B 393 -1.60 18.35 13.23
N HIS B 394 -0.70 19.29 12.89
CA HIS B 394 -0.41 20.41 13.78
C HIS B 394 -1.63 21.33 13.92
N ILE B 395 -2.43 21.48 12.83
CA ILE B 395 -3.67 22.28 12.78
C ILE B 395 -4.76 21.55 13.59
N PHE B 396 -4.83 20.22 13.44
CA PHE B 396 -5.78 19.36 14.12
C PHE B 396 -5.61 19.35 15.66
N VAL B 397 -4.38 19.24 16.18
CA VAL B 397 -4.12 19.23 17.63
C VAL B 397 -4.53 20.61 18.23
N ILE B 398 -4.37 21.72 17.45
CA ILE B 398 -4.76 23.10 17.86
C ILE B 398 -6.29 23.16 17.98
N VAL B 399 -7.00 22.78 16.90
CA VAL B 399 -8.46 22.81 16.79
C VAL B 399 -9.10 21.91 17.88
N TRP B 400 -8.54 20.70 18.12
CA TRP B 400 -9.03 19.76 19.13
C TRP B 400 -8.99 20.38 20.52
N THR B 401 -7.90 21.14 20.82
CA THR B 401 -7.64 21.84 22.08
C THR B 401 -8.75 22.87 22.37
N LEU B 402 -9.10 23.68 21.36
CA LEU B 402 -10.06 24.78 21.48
C LEU B 402 -11.50 24.33 21.15
N VAL B 403 -11.81 24.05 19.86
CA VAL B 403 -13.12 23.64 19.35
C VAL B 403 -13.40 22.22 19.91
N ASP B 404 -14.62 22.00 20.41
CA ASP B 404 -15.09 20.70 20.90
C ASP B 404 -15.72 20.06 19.66
N ILE B 405 -14.89 19.26 18.97
CA ILE B 405 -15.24 18.59 17.73
C ILE B 405 -15.73 17.17 18.16
N ASP B 406 -16.74 16.60 17.45
CA ASP B 406 -17.28 15.28 17.79
C ASP B 406 -16.25 14.20 17.50
N ARG B 407 -15.65 13.67 18.58
CA ARG B 407 -14.62 12.63 18.53
C ARG B 407 -15.14 11.30 17.98
N ARG B 408 -16.47 11.11 17.98
CA ARG B 408 -17.14 9.90 17.51
C ARG B 408 -17.54 9.97 16.02
N ASP B 409 -17.78 11.19 15.46
CA ASP B 409 -18.19 11.40 14.07
C ASP B 409 -17.26 10.67 13.07
N PRO B 410 -17.82 10.01 12.04
CA PRO B 410 -16.95 9.27 11.09
C PRO B 410 -16.06 10.17 10.22
N LEU B 411 -16.52 11.38 9.86
CA LEU B 411 -15.77 12.32 9.04
C LEU B 411 -14.54 12.83 9.81
N VAL B 412 -14.71 13.09 11.13
CA VAL B 412 -13.68 13.58 12.07
C VAL B 412 -12.62 12.49 12.29
N VAL B 413 -13.05 11.22 12.42
CA VAL B 413 -12.18 10.07 12.63
C VAL B 413 -11.34 9.79 11.33
N ALA B 414 -11.96 9.96 10.14
CA ALA B 414 -11.30 9.79 8.84
C ALA B 414 -10.26 10.89 8.63
N ALA B 415 -10.60 12.13 9.02
CA ALA B 415 -9.70 13.26 8.88
C ALA B 415 -8.52 13.13 9.82
N LEU B 416 -8.78 12.85 11.12
CA LEU B 416 -7.75 12.71 12.15
C LEU B 416 -6.72 11.64 11.79
N HIS B 417 -7.17 10.40 11.48
CA HIS B 417 -6.31 9.27 11.17
C HIS B 417 -5.54 9.42 9.85
N LEU B 418 -6.04 10.28 8.95
CA LEU B 418 -5.36 10.61 7.70
C LEU B 418 -4.27 11.65 7.95
N CYS B 419 -4.48 12.46 8.97
CA CYS B 419 -3.53 13.48 9.38
C CYS B 419 -2.40 12.80 10.12
N ILE B 420 -2.71 11.85 11.05
CA ILE B 420 -1.73 11.11 11.84
C ILE B 420 -0.80 10.35 10.92
N ALA B 421 -1.38 9.68 9.90
CA ALA B 421 -0.64 8.89 8.91
C ALA B 421 0.27 9.76 8.07
N LEU B 422 -0.20 10.95 7.66
CA LEU B 422 0.60 11.88 6.85
C LEU B 422 1.95 12.24 7.52
N GLY B 423 1.91 12.43 8.85
CA GLY B 423 3.08 12.72 9.67
C GLY B 423 4.05 11.55 9.66
N TYR B 424 3.50 10.32 9.81
CA TYR B 424 4.27 9.08 9.76
C TYR B 424 4.92 8.92 8.40
N ILE B 425 4.18 9.26 7.31
CA ILE B 425 4.63 9.18 5.92
C ILE B 425 5.85 10.08 5.70
N ASN B 426 5.85 11.32 6.23
CA ASN B 426 6.97 12.23 6.05
C ASN B 426 8.24 11.73 6.71
N SER B 427 8.16 11.09 7.89
CA SER B 427 9.36 10.65 8.56
C SER B 427 9.84 9.26 8.11
N SER B 428 8.93 8.42 7.62
CA SER B 428 9.31 7.08 7.16
C SER B 428 9.63 7.03 5.64
N LEU B 429 8.73 7.59 4.81
CA LEU B 429 8.78 7.63 3.34
C LEU B 429 9.16 9.09 2.92
N ASN B 430 10.26 9.56 3.52
CA ASN B 430 10.84 10.89 3.37
C ASN B 430 11.40 11.09 1.94
N PRO B 431 11.37 12.34 1.37
CA PRO B 431 11.92 12.55 0.01
C PRO B 431 13.43 12.31 -0.14
N VAL B 432 14.22 12.37 0.97
CA VAL B 432 15.66 12.11 0.95
C VAL B 432 15.89 10.58 0.94
N LEU B 433 15.03 9.83 1.67
CA LEU B 433 15.06 8.37 1.70
C LEU B 433 14.63 7.83 0.34
N TYR B 434 13.65 8.49 -0.30
CA TYR B 434 13.21 8.14 -1.64
C TYR B 434 14.36 8.37 -2.63
N ALA B 435 15.10 9.49 -2.50
CA ALA B 435 16.21 9.87 -3.38
C ALA B 435 17.43 8.97 -3.22
N PHE B 436 17.78 8.57 -1.97
CA PHE B 436 18.91 7.68 -1.67
C PHE B 436 18.66 6.32 -2.33
N LEU B 437 17.42 5.80 -2.22
CA LEU B 437 17.00 4.53 -2.80
C LEU B 437 16.88 4.65 -4.31
N ASP B 438 16.68 5.88 -4.83
CA ASP B 438 16.62 6.10 -6.27
C ASP B 438 18.03 6.10 -6.82
N LYS B 439 18.96 6.61 -6.01
CA LYS B 439 20.38 6.68 -6.30
C LYS B 439 20.95 5.25 -6.40
N ASN B 440 20.99 4.50 -5.27
CA ASN B 440 21.59 3.18 -5.15
C ASN B 440 20.91 2.06 -5.94
N PHE B 441 19.61 2.19 -6.25
CA PHE B 441 18.89 1.14 -7.00
C PHE B 441 18.42 1.66 -8.38
N LYS B 442 19.18 2.60 -8.97
CA LYS B 442 18.90 3.27 -10.24
C LYS B 442 18.72 2.30 -11.41
N ARG B 443 19.72 1.45 -11.71
CA ARG B 443 19.72 0.50 -12.85
C ARG B 443 18.55 -0.52 -12.78
N CYS B 444 17.89 -0.65 -11.60
CA CYS B 444 16.77 -1.57 -11.36
C CYS B 444 15.43 -0.92 -11.64
N PHE B 445 15.26 0.37 -11.29
CA PHE B 445 14.00 1.08 -11.45
C PHE B 445 13.94 1.97 -12.71
N ARG B 446 15.11 2.43 -13.23
CA ARG B 446 15.14 3.26 -14.45
C ARG B 446 14.79 2.42 -15.68
N GLN B 447 13.80 2.91 -16.45
CA GLN B 447 13.32 2.29 -17.69
C GLN B 447 12.89 3.37 -18.66
N LEU B 448 13.08 3.13 -19.97
CA LEU B 448 12.75 4.08 -21.04
C LEU B 448 11.26 4.47 -21.05
N CYS B 449 10.99 5.78 -21.28
CA CYS B 449 9.66 6.39 -21.31
C CYS B 449 8.88 5.90 -22.55
N ARG B 450 8.39 4.65 -22.48
CA ARG B 450 7.63 3.95 -23.54
C ARG B 450 6.25 4.57 -23.70
#